data_3KQK
#
_entry.id   3KQK
#
_cell.length_a   45.487
_cell.length_b   115.381
_cell.length_c   198.739
_cell.angle_alpha   90
_cell.angle_beta   90
_cell.angle_gamma   90
#
_symmetry.space_group_name_H-M   'P 21 21 21'
#
loop_
_entity.id
_entity.type
_entity.pdbx_description
1 polymer 'Serine protease/NTPase/helicase NS3'
2 polymer "5'-D(*TP*TP*TP*TP*TP*T)-3'"
3 water water
#
loop_
_entity_poly.entity_id
_entity_poly.type
_entity_poly.pdbx_seq_one_letter_code
_entity_poly.pdbx_strand_id
1 'polypeptide(L)'
;SPPAVPQTFQVAHLHAPTGSGKSTKVPAAYAAQGYKVLVLNPSVAATLGFGAYMSKAHGIDPNIRTGVRTITTGAPITYS
TYGKFLADGGCSGGAYDIIICDECHSTDSTTILGIGTVLDQAETAGARLVVLATATPPGSVTVPHPNIEEVALSSTGEIP
FYGKAIPIETIKGGRHLIFCHSKKKCDELAAKLSGLGLNAVAYYRGLDVSVIPTSGDVIVVATDALMTGFTGDFDSVIDC
NTCVTQTVDFSLDPTFTIETTTVPQDAVSRSQRRGRTGRGRMGIYRFVTPGERPSGMFDSSVLCECYDAGCAWYELTPAE
TSVRLRAYLNTPGLPVCQDHLEFWESVFTGLTHIDAHFLSQTKQAGDNFPYLVAYQATVCARAQAPPPSWDQMWKCLIRL
KPTLHGPTPLLYRLGAVQNEVTTTHPITKYIMACMS
;
A,B
2 'polydeoxyribonucleotide' (DT)(DT)(DT)(DT)(DT)(DT) C,D
#
# COMPACT_ATOMS: atom_id res chain seq x y z
N SER A 1 -3.45 -25.17 -2.96
CA SER A 1 -2.44 -24.16 -3.39
C SER A 1 -1.13 -24.34 -2.60
N PRO A 2 -1.20 -24.54 -1.27
CA PRO A 2 0.02 -24.72 -0.46
C PRO A 2 0.63 -26.13 -0.66
N PRO A 3 1.97 -26.25 -0.59
CA PRO A 3 2.68 -27.54 -0.77
C PRO A 3 2.00 -28.69 -0.02
N ALA A 4 1.52 -29.68 -0.77
CA ALA A 4 0.84 -30.83 -0.17
C ALA A 4 1.72 -31.50 0.88
N VAL A 5 1.09 -32.12 1.88
CA VAL A 5 1.83 -32.81 2.93
C VAL A 5 2.09 -34.25 2.51
N PRO A 6 3.35 -34.59 2.18
CA PRO A 6 3.72 -35.93 1.75
C PRO A 6 3.59 -36.99 2.85
N GLN A 7 3.64 -38.26 2.44
CA GLN A 7 3.53 -39.36 3.38
C GLN A 7 4.74 -39.31 4.30
N THR A 8 5.93 -39.45 3.73
CA THR A 8 7.16 -39.42 4.50
C THR A 8 7.63 -37.97 4.67
N PHE A 9 8.51 -37.75 5.65
CA PHE A 9 9.06 -36.43 5.92
C PHE A 9 9.80 -35.84 4.72
N GLN A 10 9.42 -34.62 4.33
CA GLN A 10 10.07 -33.94 3.21
C GLN A 10 10.26 -32.44 3.49
N VAL A 11 11.22 -31.84 2.82
CA VAL A 11 11.51 -30.41 2.98
C VAL A 11 11.17 -29.69 1.69
N ALA A 12 10.21 -28.78 1.74
CA ALA A 12 9.83 -28.08 0.54
C ALA A 12 10.01 -26.58 0.62
N HIS A 13 10.29 -25.97 -0.52
CA HIS A 13 10.45 -24.51 -0.59
C HIS A 13 9.12 -23.86 -0.96
N LEU A 14 9.03 -22.55 -0.78
CA LEU A 14 7.82 -21.80 -1.11
C LEU A 14 8.19 -20.35 -1.43
N HIS A 15 8.26 -20.03 -2.71
CA HIS A 15 8.62 -18.69 -3.17
C HIS A 15 7.43 -17.92 -3.67
N ALA A 16 7.06 -16.86 -2.96
CA ALA A 16 5.93 -16.02 -3.34
C ALA A 16 6.16 -14.55 -3.00
N PRO A 17 5.74 -13.63 -3.89
CA PRO A 17 5.92 -12.19 -3.68
C PRO A 17 5.00 -11.64 -2.58
N THR A 18 5.22 -10.38 -2.20
CA THR A 18 4.42 -9.72 -1.17
C THR A 18 4.29 -10.62 0.06
N GLY A 19 5.42 -10.84 0.74
CA GLY A 19 5.43 -11.68 1.92
C GLY A 19 4.33 -11.27 2.89
N SER A 20 3.33 -12.14 3.06
CA SER A 20 2.22 -11.86 3.97
C SER A 20 1.24 -13.04 4.09
N GLY A 21 0.83 -13.59 2.94
CA GLY A 21 -0.10 -14.70 2.94
C GLY A 21 0.55 -16.00 3.36
N LYS A 22 1.84 -16.14 3.07
CA LYS A 22 2.58 -17.35 3.40
C LYS A 22 2.54 -17.64 4.89
N SER A 23 2.42 -16.61 5.70
CA SER A 23 2.42 -16.77 7.14
C SER A 23 1.04 -16.67 7.77
N THR A 24 0.03 -16.48 6.94
CA THR A 24 -1.33 -16.36 7.43
C THR A 24 -2.26 -17.33 6.72
N LYS A 25 -2.35 -17.17 5.40
CA LYS A 25 -3.20 -18.01 4.58
C LYS A 25 -2.73 -19.45 4.60
N VAL A 26 -1.49 -19.65 4.17
CA VAL A 26 -0.91 -20.98 4.09
C VAL A 26 -1.11 -21.79 5.36
N PRO A 27 -0.61 -21.27 6.49
CA PRO A 27 -0.79 -22.03 7.72
C PRO A 27 -2.25 -22.31 8.02
N ALA A 28 -3.13 -21.41 7.59
CA ALA A 28 -4.57 -21.56 7.81
C ALA A 28 -5.16 -22.71 7.01
N ALA A 29 -4.72 -22.85 5.77
CA ALA A 29 -5.19 -23.94 4.91
C ALA A 29 -4.90 -25.28 5.58
N TYR A 30 -3.62 -25.53 5.85
CA TYR A 30 -3.22 -26.76 6.49
C TYR A 30 -4.07 -27.08 7.73
N ALA A 31 -4.20 -26.11 8.62
CA ALA A 31 -4.97 -26.34 9.84
C ALA A 31 -6.40 -26.78 9.52
N ALA A 32 -6.90 -26.35 8.37
CA ALA A 32 -8.26 -26.70 7.94
C ALA A 32 -8.37 -28.20 7.67
N GLN A 33 -7.22 -28.81 7.35
CA GLN A 33 -7.13 -30.23 7.05
C GLN A 33 -6.72 -31.02 8.27
N GLY A 34 -6.99 -30.49 9.45
CA GLY A 34 -6.64 -31.20 10.66
C GLY A 34 -5.15 -31.39 10.83
N TYR A 35 -4.38 -30.37 10.50
CA TYR A 35 -2.93 -30.40 10.64
C TYR A 35 -2.43 -29.50 11.77
N LYS A 36 -1.34 -29.91 12.41
CA LYS A 36 -0.73 -29.13 13.47
C LYS A 36 0.40 -28.34 12.80
N VAL A 37 0.36 -27.01 12.94
CA VAL A 37 1.35 -26.14 12.30
C VAL A 37 2.13 -25.19 13.22
N LEU A 38 3.42 -25.05 12.93
CA LEU A 38 4.30 -24.15 13.68
C LEU A 38 4.88 -23.15 12.68
N VAL A 39 4.62 -21.87 12.89
CA VAL A 39 5.13 -20.84 11.98
C VAL A 39 6.20 -20.02 12.68
N LEU A 40 7.43 -20.21 12.24
CA LEU A 40 8.57 -19.51 12.83
C LEU A 40 8.86 -18.24 12.10
N ASN A 41 9.04 -17.17 12.88
CA ASN A 41 9.31 -15.89 12.32
C ASN A 41 10.41 -15.21 13.13
N PRO A 42 11.35 -14.52 12.44
CA PRO A 42 12.44 -13.86 13.16
C PRO A 42 12.00 -12.71 14.05
N SER A 43 11.11 -11.87 13.54
CA SER A 43 10.60 -10.72 14.27
C SER A 43 9.65 -11.04 15.40
N VAL A 44 9.75 -10.32 16.51
CA VAL A 44 8.84 -10.54 17.62
C VAL A 44 7.53 -9.80 17.33
N ALA A 45 7.64 -8.64 16.71
CA ALA A 45 6.48 -7.82 16.35
C ALA A 45 5.59 -8.60 15.41
N ALA A 46 6.21 -9.22 14.42
CA ALA A 46 5.46 -10.00 13.47
C ALA A 46 4.79 -11.15 14.19
N THR A 47 5.58 -11.98 14.85
CA THR A 47 5.00 -13.12 15.55
C THR A 47 3.76 -12.74 16.36
N LEU A 48 3.80 -11.56 16.97
CA LEU A 48 2.66 -11.10 17.74
C LEU A 48 1.56 -10.62 16.80
N GLY A 49 1.97 -9.90 15.75
CA GLY A 49 1.02 -9.38 14.78
C GLY A 49 0.09 -10.43 14.22
N PHE A 50 0.69 -11.51 13.72
CA PHE A 50 -0.05 -12.63 13.14
C PHE A 50 -1.05 -13.24 14.12
N GLY A 51 -0.68 -13.29 15.38
CA GLY A 51 -1.56 -13.86 16.37
C GLY A 51 -2.90 -13.16 16.40
N ALA A 52 -2.89 -11.83 16.46
CA ALA A 52 -4.14 -11.08 16.50
C ALA A 52 -4.90 -11.16 15.16
N TYR A 53 -4.17 -11.10 14.05
CA TYR A 53 -4.79 -11.16 12.74
C TYR A 53 -5.53 -12.48 12.47
N MET A 54 -4.89 -13.60 12.79
CA MET A 54 -5.50 -14.90 12.60
C MET A 54 -6.82 -14.98 13.33
N SER A 55 -6.90 -14.34 14.48
CA SER A 55 -8.13 -14.37 15.24
C SER A 55 -9.28 -13.79 14.42
N LYS A 56 -9.17 -12.52 14.07
CA LYS A 56 -10.22 -11.86 13.32
C LYS A 56 -10.34 -12.30 11.88
N ALA A 57 -9.27 -12.83 11.32
CA ALA A 57 -9.29 -13.25 9.92
C ALA A 57 -9.75 -14.69 9.69
N HIS A 58 -9.51 -15.57 10.66
CA HIS A 58 -9.90 -16.97 10.52
C HIS A 58 -10.58 -17.49 11.78
N GLY A 59 -11.08 -16.57 12.59
CA GLY A 59 -11.76 -16.96 13.80
C GLY A 59 -11.03 -17.93 14.71
N ILE A 60 -9.70 -17.98 14.63
CA ILE A 60 -8.92 -18.88 15.48
C ILE A 60 -7.82 -18.16 16.26
N ASP A 61 -7.74 -18.44 17.56
CA ASP A 61 -6.72 -17.84 18.44
C ASP A 61 -5.48 -18.73 18.44
N PRO A 62 -4.47 -18.35 17.65
CA PRO A 62 -3.24 -19.14 17.58
C PRO A 62 -2.41 -19.06 18.86
N ASN A 63 -1.48 -19.99 19.00
CA ASN A 63 -0.61 -19.98 20.18
C ASN A 63 0.49 -18.99 19.85
N ILE A 64 0.88 -18.17 20.83
CA ILE A 64 1.94 -17.20 20.61
C ILE A 64 3.10 -17.51 21.57
N ARG A 65 4.29 -17.67 20.99
CA ARG A 65 5.49 -17.97 21.75
C ARG A 65 6.65 -17.03 21.38
N THR A 66 6.93 -16.10 22.28
CA THR A 66 8.01 -15.14 22.08
C THR A 66 8.76 -14.98 23.38
N GLY A 67 9.88 -14.29 23.32
CA GLY A 67 10.67 -14.09 24.52
C GLY A 67 9.85 -13.47 25.64
N VAL A 68 9.26 -12.32 25.32
CA VAL A 68 8.46 -11.57 26.28
C VAL A 68 7.17 -12.26 26.71
N ARG A 69 6.17 -12.24 25.84
CA ARG A 69 4.88 -12.84 26.15
C ARG A 69 4.64 -14.20 25.52
N THR A 70 4.00 -15.09 26.26
CA THR A 70 3.70 -16.42 25.73
C THR A 70 2.21 -16.65 25.95
N ILE A 71 1.54 -17.15 24.91
CA ILE A 71 0.11 -17.42 24.98
C ILE A 71 -0.19 -18.83 24.49
N THR A 72 -0.86 -19.61 25.33
CA THR A 72 -1.20 -20.97 24.95
C THR A 72 -2.71 -21.09 24.83
N THR A 73 -3.18 -21.47 23.66
CA THR A 73 -4.62 -21.59 23.46
C THR A 73 -5.01 -23.04 23.22
N GLY A 74 -4.10 -23.82 22.66
CA GLY A 74 -4.42 -25.20 22.36
C GLY A 74 -4.82 -25.32 20.90
N ALA A 75 -4.77 -24.21 20.16
CA ALA A 75 -5.13 -24.26 18.74
C ALA A 75 -4.12 -25.04 17.89
N PRO A 76 -4.55 -25.51 16.70
CA PRO A 76 -3.68 -26.29 15.81
C PRO A 76 -2.57 -25.45 15.15
N ILE A 77 -2.58 -24.14 15.40
CA ILE A 77 -1.56 -23.27 14.83
C ILE A 77 -0.77 -22.59 15.92
N THR A 78 0.54 -22.54 15.75
CA THR A 78 1.39 -21.87 16.73
C THR A 78 2.38 -20.93 16.06
N TYR A 79 2.37 -19.67 16.48
CA TYR A 79 3.29 -18.69 15.96
C TYR A 79 4.38 -18.44 16.99
N SER A 80 5.62 -18.47 16.53
CA SER A 80 6.76 -18.26 17.42
C SER A 80 7.97 -17.69 16.68
N THR A 81 8.88 -17.10 17.45
CA THR A 81 10.11 -16.54 16.89
C THR A 81 11.16 -17.61 16.96
N TYR A 82 12.16 -17.51 16.10
CA TYR A 82 13.22 -18.50 16.12
C TYR A 82 13.90 -18.43 17.48
N GLY A 83 14.18 -17.22 17.96
CA GLY A 83 14.82 -17.10 19.26
C GLY A 83 14.10 -17.89 20.35
N LYS A 84 12.80 -17.70 20.45
CA LYS A 84 12.02 -18.39 21.45
C LYS A 84 11.98 -19.91 21.17
N PHE A 85 12.00 -20.27 19.90
CA PHE A 85 12.00 -21.68 19.49
C PHE A 85 13.24 -22.38 20.03
N LEU A 86 14.39 -21.74 19.82
CA LEU A 86 15.67 -22.27 20.24
C LEU A 86 15.68 -22.36 21.76
N ALA A 87 15.20 -21.30 22.39
CA ALA A 87 15.14 -21.24 23.84
C ALA A 87 14.28 -22.34 24.44
N ASP A 88 13.38 -22.90 23.64
CA ASP A 88 12.51 -23.97 24.15
C ASP A 88 13.12 -25.33 23.96
N GLY A 89 14.30 -25.36 23.35
CA GLY A 89 14.97 -26.62 23.11
C GLY A 89 14.82 -27.13 21.69
N GLY A 90 14.08 -26.42 20.85
CA GLY A 90 13.88 -26.86 19.47
C GLY A 90 12.59 -27.65 19.31
N CYS A 91 12.58 -28.61 18.38
CA CYS A 91 11.43 -29.46 18.11
C CYS A 91 11.02 -30.42 19.22
N SER A 92 9.79 -30.28 19.69
CA SER A 92 9.25 -31.13 20.75
C SER A 92 8.62 -32.37 20.14
N GLY A 93 9.03 -33.54 20.64
CA GLY A 93 8.50 -34.79 20.13
C GLY A 93 7.00 -34.79 19.87
N GLY A 94 6.63 -35.12 18.62
CA GLY A 94 5.23 -35.16 18.25
C GLY A 94 4.45 -33.97 18.73
N ALA A 95 4.57 -32.86 18.02
CA ALA A 95 3.85 -31.65 18.38
C ALA A 95 3.41 -30.92 17.14
N TYR A 96 4.06 -31.19 16.01
CA TYR A 96 3.67 -30.51 14.80
C TYR A 96 3.86 -31.38 13.59
N ASP A 97 2.93 -31.26 12.65
CA ASP A 97 3.00 -32.02 11.43
C ASP A 97 3.70 -31.18 10.37
N ILE A 98 3.57 -29.87 10.46
CA ILE A 98 4.17 -28.97 9.49
C ILE A 98 4.87 -27.80 10.15
N ILE A 99 6.12 -27.56 9.77
CA ILE A 99 6.88 -26.45 10.35
C ILE A 99 7.27 -25.47 9.27
N ILE A 100 6.72 -24.27 9.36
CA ILE A 100 7.00 -23.24 8.37
C ILE A 100 8.09 -22.29 8.86
N CYS A 101 9.12 -22.15 8.05
CA CYS A 101 10.23 -21.26 8.38
C CYS A 101 10.01 -20.02 7.53
N ASP A 102 9.38 -19.03 8.12
CA ASP A 102 9.09 -17.81 7.40
C ASP A 102 10.32 -16.91 7.29
N GLU A 103 10.42 -16.12 6.21
CA GLU A 103 11.55 -15.21 6.02
C GLU A 103 12.87 -15.95 6.09
N CYS A 104 12.88 -17.17 5.57
CA CYS A 104 14.05 -18.01 5.57
C CYS A 104 15.21 -17.42 4.80
N HIS A 105 15.06 -16.21 4.29
CA HIS A 105 16.16 -15.60 3.55
C HIS A 105 17.05 -14.83 4.53
N SER A 106 16.53 -14.63 5.75
CA SER A 106 17.26 -13.91 6.80
C SER A 106 18.59 -14.56 7.13
N THR A 107 19.67 -13.79 7.02
CA THR A 107 20.98 -14.34 7.31
C THR A 107 21.51 -13.93 8.68
N ASP A 108 20.63 -13.82 9.66
CA ASP A 108 21.06 -13.47 10.99
C ASP A 108 21.24 -14.75 11.80
N SER A 109 22.18 -14.71 12.73
CA SER A 109 22.46 -15.89 13.53
C SER A 109 21.22 -16.58 14.07
N THR A 110 20.35 -15.86 14.77
CA THR A 110 19.16 -16.50 15.34
C THR A 110 18.32 -17.29 14.35
N THR A 111 18.07 -16.72 13.19
CA THR A 111 17.28 -17.39 12.18
C THR A 111 18.02 -18.61 11.66
N ILE A 112 19.29 -18.42 11.32
CA ILE A 112 20.09 -19.52 10.80
C ILE A 112 20.18 -20.69 11.78
N LEU A 113 20.44 -20.43 13.05
CA LEU A 113 20.52 -21.54 13.99
C LEU A 113 19.14 -22.17 14.12
N GLY A 114 18.11 -21.34 14.01
CA GLY A 114 16.76 -21.85 14.17
C GLY A 114 16.42 -22.79 13.04
N ILE A 115 16.63 -22.30 11.83
CA ILE A 115 16.34 -23.08 10.66
C ILE A 115 17.18 -24.34 10.65
N GLY A 116 18.45 -24.21 11.01
CA GLY A 116 19.31 -25.39 11.05
C GLY A 116 18.83 -26.40 12.07
N THR A 117 18.16 -25.92 13.13
CA THR A 117 17.66 -26.82 14.18
C THR A 117 16.44 -27.59 13.68
N VAL A 118 15.57 -26.90 12.96
CA VAL A 118 14.38 -27.54 12.40
C VAL A 118 14.81 -28.62 11.38
N LEU A 119 15.80 -28.32 10.54
CA LEU A 119 16.22 -29.29 9.53
C LEU A 119 16.91 -30.50 10.12
N ASP A 120 17.21 -30.44 11.41
CA ASP A 120 17.87 -31.54 12.07
C ASP A 120 17.00 -32.30 13.04
N GLN A 121 15.94 -31.66 13.51
CA GLN A 121 15.06 -32.28 14.50
C GLN A 121 13.64 -32.48 13.99
N ALA A 122 13.34 -31.91 12.83
CA ALA A 122 12.00 -32.01 12.28
C ALA A 122 11.47 -33.43 12.15
N GLU A 123 12.14 -34.25 11.35
CA GLU A 123 11.70 -35.61 11.11
C GLU A 123 11.61 -36.45 12.36
N THR A 124 12.66 -36.43 13.16
CA THR A 124 12.67 -37.20 14.39
C THR A 124 11.55 -36.72 15.32
N ALA A 125 11.16 -35.45 15.21
CA ALA A 125 10.12 -34.91 16.07
C ALA A 125 8.72 -35.35 15.68
N GLY A 126 8.60 -35.85 14.45
CA GLY A 126 7.33 -36.32 13.97
C GLY A 126 6.78 -35.50 12.82
N ALA A 127 7.34 -34.33 12.59
CA ALA A 127 6.86 -33.50 11.49
C ALA A 127 6.90 -34.26 10.16
N ARG A 128 5.92 -34.03 9.31
CA ARG A 128 5.83 -34.68 8.00
C ARG A 128 6.22 -33.73 6.88
N LEU A 129 6.45 -32.48 7.23
CA LEU A 129 6.82 -31.47 6.24
C LEU A 129 7.43 -30.21 6.85
N VAL A 130 8.38 -29.62 6.13
CA VAL A 130 9.04 -28.39 6.55
C VAL A 130 9.04 -27.46 5.33
N VAL A 131 8.48 -26.28 5.51
CA VAL A 131 8.41 -25.33 4.42
C VAL A 131 9.35 -24.15 4.66
N LEU A 132 10.21 -23.90 3.68
CA LEU A 132 11.17 -22.81 3.75
C LEU A 132 10.58 -21.66 2.94
N ALA A 133 9.69 -20.90 3.58
CA ALA A 133 9.01 -19.78 2.93
C ALA A 133 9.79 -18.47 2.92
N THR A 134 9.82 -17.83 1.76
CA THR A 134 10.51 -16.56 1.56
C THR A 134 10.03 -15.91 0.26
N ALA A 135 10.10 -14.58 0.21
CA ALA A 135 9.68 -13.86 -0.98
C ALA A 135 10.90 -13.44 -1.80
N THR A 136 12.08 -13.61 -1.25
CA THR A 136 13.32 -13.25 -1.95
C THR A 136 14.34 -14.36 -1.88
N PRO A 137 14.18 -15.38 -2.73
CA PRO A 137 15.08 -16.53 -2.80
C PRO A 137 16.52 -16.13 -3.04
N PRO A 138 17.45 -17.03 -2.71
CA PRO A 138 18.86 -16.72 -2.92
C PRO A 138 19.13 -16.28 -4.36
N GLY A 139 19.85 -15.20 -4.53
CA GLY A 139 20.15 -14.74 -5.87
C GLY A 139 19.18 -13.74 -6.44
N SER A 140 18.31 -13.22 -5.59
CA SER A 140 17.32 -12.24 -6.00
C SER A 140 17.92 -10.88 -6.28
N VAL A 141 17.18 -10.06 -7.04
CA VAL A 141 17.62 -8.70 -7.38
C VAL A 141 16.42 -7.77 -7.43
N THR A 142 16.54 -6.61 -6.82
CA THR A 142 15.45 -5.64 -6.79
C THR A 142 14.79 -5.53 -8.17
N VAL A 143 13.46 -5.48 -8.16
CA VAL A 143 12.67 -5.37 -9.38
C VAL A 143 11.80 -4.14 -9.25
N PRO A 144 11.59 -3.40 -10.36
CA PRO A 144 10.75 -2.19 -10.36
C PRO A 144 9.39 -2.40 -9.69
N HIS A 145 8.92 -1.37 -8.98
CA HIS A 145 7.64 -1.46 -8.29
C HIS A 145 6.66 -0.49 -8.92
N PRO A 146 5.41 -0.92 -9.11
CA PRO A 146 4.32 -0.12 -9.71
C PRO A 146 4.15 1.28 -9.13
N ASN A 147 3.92 1.38 -7.82
CA ASN A 147 3.74 2.69 -7.19
C ASN A 147 5.04 3.37 -6.78
N ILE A 148 6.15 3.02 -7.42
CA ILE A 148 7.43 3.63 -7.06
C ILE A 148 8.25 4.01 -8.29
N GLU A 149 8.77 5.23 -8.26
CA GLU A 149 9.58 5.76 -9.36
C GLU A 149 10.98 6.05 -8.81
N GLU A 150 11.97 5.28 -9.23
CA GLU A 150 13.34 5.45 -8.75
C GLU A 150 14.11 6.50 -9.52
N VAL A 151 14.69 7.45 -8.81
CA VAL A 151 15.47 8.53 -9.41
C VAL A 151 16.85 8.61 -8.76
N ALA A 152 17.89 8.63 -9.59
CA ALA A 152 19.26 8.68 -9.09
C ALA A 152 19.58 10.08 -8.59
N LEU A 153 20.75 10.23 -7.98
CA LEU A 153 21.16 11.53 -7.47
C LEU A 153 22.38 12.04 -8.23
N SER A 154 22.45 13.35 -8.41
CA SER A 154 23.57 13.95 -9.13
C SER A 154 24.31 14.95 -8.24
N SER A 155 25.30 15.61 -8.83
CA SER A 155 26.10 16.60 -8.11
C SER A 155 25.22 17.73 -7.61
N THR A 156 24.22 18.05 -8.44
CA THR A 156 23.28 19.11 -8.13
C THR A 156 22.57 18.87 -6.81
N GLY A 157 22.58 19.88 -5.95
CA GLY A 157 21.93 19.78 -4.66
C GLY A 157 22.62 20.61 -3.60
N GLU A 158 21.86 21.13 -2.64
CA GLU A 158 22.44 21.94 -1.57
C GLU A 158 22.75 21.16 -0.29
N ILE A 159 22.49 19.86 -0.32
CA ILE A 159 22.74 19.00 0.84
C ILE A 159 23.66 17.85 0.46
N PRO A 160 24.92 17.89 0.90
CA PRO A 160 25.88 16.83 0.58
C PRO A 160 25.42 15.49 1.18
N PHE A 161 25.57 14.43 0.40
CA PHE A 161 25.17 13.10 0.84
C PHE A 161 26.36 12.15 0.85
N TYR A 162 26.20 10.96 0.26
CA TYR A 162 27.30 9.99 0.23
C TYR A 162 27.94 10.02 -1.14
N GLY A 163 28.44 11.19 -1.54
CA GLY A 163 29.08 11.31 -2.83
C GLY A 163 28.25 12.16 -3.79
N LYS A 164 27.02 12.46 -3.38
CA LYS A 164 26.09 13.27 -4.17
C LYS A 164 25.46 14.34 -3.28
N ALA A 165 24.41 14.99 -3.80
CA ALA A 165 23.73 16.01 -3.05
C ALA A 165 22.23 15.79 -3.14
N ILE A 166 21.50 16.45 -2.25
CA ILE A 166 20.05 16.32 -2.22
C ILE A 166 19.39 17.69 -2.36
N PRO A 167 18.69 17.91 -3.48
CA PRO A 167 18.02 19.20 -3.70
C PRO A 167 17.04 19.55 -2.57
N ILE A 168 17.22 20.74 -1.99
CA ILE A 168 16.38 21.20 -0.89
C ILE A 168 14.88 21.13 -1.21
N GLU A 169 14.53 21.48 -2.45
CA GLU A 169 13.14 21.46 -2.89
C GLU A 169 12.62 20.04 -3.04
N THR A 170 13.53 19.08 -3.09
CA THR A 170 13.17 17.68 -3.23
C THR A 170 12.47 17.17 -1.97
N ILE A 171 12.87 17.73 -0.84
CA ILE A 171 12.28 17.33 0.42
C ILE A 171 11.67 18.53 1.12
N LYS A 172 11.59 19.65 0.38
CA LYS A 172 11.04 20.88 0.92
C LYS A 172 9.68 20.66 1.58
N GLY A 173 8.77 19.98 0.90
CA GLY A 173 7.46 19.75 1.48
C GLY A 173 7.04 18.29 1.46
N GLY A 174 6.25 17.90 2.45
CA GLY A 174 5.78 16.53 2.50
C GLY A 174 6.59 15.68 3.45
N ARG A 175 6.21 14.41 3.59
CA ARG A 175 6.88 13.47 4.46
C ARG A 175 7.87 12.64 3.65
N HIS A 176 9.13 12.66 4.07
CA HIS A 176 10.17 11.92 3.38
C HIS A 176 11.00 11.07 4.34
N LEU A 177 11.64 10.01 3.81
CA LEU A 177 12.45 9.13 4.63
C LEU A 177 13.91 9.04 4.13
N ILE A 178 14.85 9.34 5.03
CA ILE A 178 16.27 9.31 4.67
C ILE A 178 17.03 8.22 5.43
N PHE A 179 17.58 7.26 4.70
CA PHE A 179 18.34 6.16 5.30
C PHE A 179 19.84 6.39 5.34
N CYS A 180 20.41 6.39 6.54
CA CYS A 180 21.84 6.55 6.72
C CYS A 180 22.43 5.25 7.31
N HIS A 181 23.72 5.03 7.10
CA HIS A 181 24.38 3.81 7.58
C HIS A 181 24.65 3.83 9.09
N SER A 182 25.15 4.97 9.60
CA SER A 182 25.45 5.11 11.02
C SER A 182 24.39 5.92 11.75
N LYS A 183 24.38 5.79 13.06
CA LYS A 183 23.41 6.48 13.90
C LYS A 183 23.87 7.91 14.19
N LYS A 184 25.17 8.15 14.00
CA LYS A 184 25.71 9.48 14.25
C LYS A 184 25.46 10.41 13.07
N LYS A 185 25.58 9.90 11.85
CA LYS A 185 25.35 10.72 10.67
C LYS A 185 23.87 11.04 10.53
N CYS A 186 23.03 10.32 11.26
CA CYS A 186 21.59 10.58 11.20
C CYS A 186 21.33 11.93 11.86
N ASP A 187 21.94 12.14 13.02
CA ASP A 187 21.82 13.37 13.78
C ASP A 187 22.47 14.51 13.01
N GLU A 188 23.69 14.27 12.53
CA GLU A 188 24.42 15.26 11.75
C GLU A 188 23.57 15.76 10.59
N LEU A 189 23.00 14.83 9.81
CA LEU A 189 22.15 15.17 8.67
C LEU A 189 20.87 15.86 9.13
N ALA A 190 20.25 15.36 10.21
CA ALA A 190 19.05 15.99 10.73
C ALA A 190 19.35 17.45 11.08
N ALA A 191 20.58 17.71 11.52
CA ALA A 191 20.99 19.06 11.88
C ALA A 191 20.94 19.97 10.67
N LYS A 192 21.78 19.66 9.68
CA LYS A 192 21.84 20.45 8.46
C LYS A 192 20.45 20.67 7.86
N LEU A 193 19.45 19.98 8.37
CA LEU A 193 18.10 20.14 7.86
C LEU A 193 17.23 20.91 8.81
N SER A 194 17.19 20.46 10.06
CA SER A 194 16.36 21.12 11.06
C SER A 194 16.80 22.58 11.19
N GLY A 195 18.10 22.79 11.33
CA GLY A 195 18.64 24.14 11.43
C GLY A 195 18.72 24.76 10.04
N LEU A 196 17.76 24.41 9.19
CA LEU A 196 17.75 24.95 7.83
C LEU A 196 16.30 25.19 7.45
N GLY A 197 15.44 25.24 8.46
CA GLY A 197 14.02 25.47 8.24
C GLY A 197 13.17 24.22 8.22
N LEU A 198 13.67 23.19 7.54
CA LEU A 198 12.98 21.92 7.41
C LEU A 198 12.72 21.25 8.75
N ASN A 199 11.59 20.57 8.89
CA ASN A 199 11.27 19.88 10.15
C ASN A 199 11.76 18.44 10.07
N ALA A 200 13.01 18.21 10.45
CA ALA A 200 13.59 16.88 10.40
C ALA A 200 13.84 16.29 11.78
N VAL A 201 13.54 15.01 11.95
CA VAL A 201 13.76 14.30 13.21
C VAL A 201 14.42 12.94 12.97
N ALA A 202 15.57 12.72 13.61
CA ALA A 202 16.31 11.46 13.47
C ALA A 202 15.69 10.32 14.27
N TYR A 203 15.84 9.10 13.78
CA TYR A 203 15.28 7.92 14.44
C TYR A 203 16.22 6.72 14.32
N TYR A 204 16.21 5.87 15.36
CA TYR A 204 17.02 4.68 15.39
C TYR A 204 16.74 3.89 16.66
N ARG A 205 17.25 2.66 16.72
CA ARG A 205 17.02 1.82 17.86
C ARG A 205 17.40 2.52 19.16
N GLY A 206 16.44 2.57 20.08
CA GLY A 206 16.68 3.22 21.35
C GLY A 206 15.70 4.34 21.56
N LEU A 207 15.25 4.95 20.45
CA LEU A 207 14.30 6.04 20.51
C LEU A 207 12.89 5.50 20.42
N ASP A 208 11.92 6.31 20.82
CA ASP A 208 10.51 5.92 20.77
C ASP A 208 9.91 6.37 19.45
N VAL A 209 9.06 5.52 18.89
CA VAL A 209 8.40 5.79 17.60
C VAL A 209 7.60 7.09 17.61
N SER A 210 7.10 7.46 18.78
CA SER A 210 6.29 8.67 18.94
C SER A 210 7.02 9.93 18.49
N VAL A 211 8.35 9.87 18.50
CA VAL A 211 9.18 10.99 18.07
C VAL A 211 8.75 11.51 16.69
N ILE A 212 8.32 10.59 15.82
CA ILE A 212 7.90 10.92 14.47
C ILE A 212 6.42 11.35 14.47
N PRO A 213 6.11 12.51 13.88
CA PRO A 213 4.74 13.05 13.81
C PRO A 213 3.85 12.22 12.88
N THR A 214 2.66 11.88 13.35
CA THR A 214 1.71 11.08 12.59
C THR A 214 1.37 11.70 11.23
N SER A 215 1.42 13.02 11.18
CA SER A 215 1.09 13.73 9.95
C SER A 215 2.00 14.93 9.76
N GLY A 216 1.56 15.89 8.95
CA GLY A 216 2.36 17.07 8.70
C GLY A 216 3.62 16.77 7.90
N ASP A 217 4.27 17.82 7.41
CA ASP A 217 5.49 17.70 6.62
C ASP A 217 6.65 17.33 7.56
N VAL A 218 7.46 16.35 7.16
CA VAL A 218 8.57 15.93 8.00
C VAL A 218 9.61 15.11 7.25
N ILE A 219 10.86 15.28 7.64
CA ILE A 219 11.94 14.57 7.02
C ILE A 219 12.60 13.67 8.06
N VAL A 220 12.25 12.38 8.06
CA VAL A 220 12.83 11.46 9.02
C VAL A 220 14.11 10.78 8.51
N VAL A 221 15.19 11.01 9.24
CA VAL A 221 16.49 10.43 8.92
C VAL A 221 16.69 9.31 9.93
N ALA A 222 16.60 8.07 9.48
CA ALA A 222 16.77 6.92 10.39
C ALA A 222 17.66 5.81 9.83
N THR A 223 17.90 4.82 10.68
CA THR A 223 18.70 3.66 10.30
C THR A 223 17.67 2.62 9.92
N ASP A 224 18.12 1.38 9.72
CA ASP A 224 17.19 0.32 9.35
C ASP A 224 16.32 -0.11 10.52
N ALA A 225 16.43 0.63 11.62
CA ALA A 225 15.66 0.34 12.81
C ALA A 225 14.19 0.36 12.45
N LEU A 226 13.51 -0.70 12.85
CA LEU A 226 12.11 -0.86 12.55
C LEU A 226 11.31 0.15 13.36
N MET A 227 10.26 0.68 12.73
CA MET A 227 9.39 1.66 13.35
C MET A 227 8.12 0.99 13.86
N THR A 228 8.31 -0.11 14.58
CA THR A 228 7.21 -0.89 15.14
C THR A 228 6.14 0.02 15.76
N GLY A 229 4.89 -0.17 15.32
CA GLY A 229 3.79 0.63 15.84
C GLY A 229 3.54 1.89 15.01
N PHE A 230 4.15 1.93 13.83
CA PHE A 230 4.03 3.08 12.95
C PHE A 230 3.82 2.67 11.49
N THR A 231 2.84 3.29 10.87
CA THR A 231 2.54 3.00 9.47
C THR A 231 3.41 3.89 8.60
N GLY A 232 4.26 3.26 7.81
CA GLY A 232 5.17 3.98 6.94
C GLY A 232 4.45 4.90 5.96
N ASP A 233 4.65 4.62 4.67
CA ASP A 233 4.05 5.42 3.61
C ASP A 233 4.57 6.86 3.62
N PHE A 234 5.60 7.11 2.82
CA PHE A 234 6.24 8.42 2.71
C PHE A 234 6.15 8.82 1.25
N ASP A 235 6.27 10.12 0.98
CA ASP A 235 6.20 10.58 -0.39
C ASP A 235 7.40 10.09 -1.18
N SER A 236 8.57 10.11 -0.54
CA SER A 236 9.78 9.67 -1.20
C SER A 236 10.75 9.04 -0.20
N VAL A 237 11.71 8.27 -0.71
CA VAL A 237 12.69 7.64 0.14
C VAL A 237 14.09 7.82 -0.42
N ILE A 238 14.97 8.43 0.37
CA ILE A 238 16.34 8.62 -0.06
C ILE A 238 17.23 7.64 0.68
N ASP A 239 17.85 6.74 -0.09
CA ASP A 239 18.70 5.69 0.45
C ASP A 239 20.19 5.92 0.18
N CYS A 240 21.03 5.68 1.20
CA CYS A 240 22.47 5.83 1.04
C CYS A 240 23.04 4.58 0.34
N ASN A 241 22.26 3.52 0.29
CA ASN A 241 22.68 2.28 -0.36
C ASN A 241 23.90 1.64 0.29
N THR A 242 23.94 1.67 1.62
CA THR A 242 25.05 1.07 2.36
C THR A 242 24.55 0.55 3.69
N CYS A 243 25.16 -0.54 4.16
CA CYS A 243 24.81 -1.18 5.41
C CYS A 243 25.99 -1.39 6.34
N VAL A 244 25.73 -1.40 7.63
CA VAL A 244 26.80 -1.65 8.58
C VAL A 244 26.69 -3.09 9.04
N THR A 245 27.75 -3.87 8.83
CA THR A 245 27.77 -5.28 9.23
C THR A 245 29.12 -5.67 9.83
N GLN A 246 29.22 -6.90 10.33
CA GLN A 246 30.45 -7.41 10.91
C GLN A 246 31.00 -8.51 10.03
N THR A 247 32.28 -8.44 9.71
CA THR A 247 32.89 -9.46 8.87
C THR A 247 34.12 -9.99 9.58
N VAL A 248 34.45 -11.24 9.35
CA VAL A 248 35.63 -11.84 9.97
C VAL A 248 36.82 -11.70 9.03
N ASP A 249 38.02 -11.64 9.60
CA ASP A 249 39.22 -11.54 8.80
C ASP A 249 40.31 -12.34 9.49
N PHE A 250 40.77 -13.41 8.84
CA PHE A 250 41.80 -14.24 9.43
C PHE A 250 43.15 -13.59 9.20
N SER A 251 43.33 -12.47 9.89
CA SER A 251 44.52 -11.64 9.83
C SER A 251 45.72 -12.24 10.51
N LEU A 252 45.57 -13.40 11.13
CA LEU A 252 46.68 -14.04 11.80
C LEU A 252 47.54 -13.05 12.59
N ASP A 253 46.91 -12.25 13.44
CA ASP A 253 47.66 -11.25 14.21
C ASP A 253 47.06 -11.05 15.59
N PRO A 254 47.14 -12.06 16.46
CA PRO A 254 47.73 -13.37 16.19
C PRO A 254 46.78 -14.42 15.63
N THR A 255 45.48 -14.16 15.71
CA THR A 255 44.50 -15.12 15.25
C THR A 255 43.52 -14.54 14.25
N PHE A 256 42.33 -14.17 14.67
CA PHE A 256 41.41 -13.60 13.70
C PHE A 256 40.93 -12.23 14.16
N THR A 257 40.11 -11.61 13.34
CA THR A 257 39.60 -10.29 13.66
C THR A 257 38.17 -10.16 13.19
N ILE A 258 37.30 -9.60 14.04
CA ILE A 258 35.92 -9.39 13.67
C ILE A 258 35.74 -7.88 13.64
N GLU A 259 35.68 -7.34 12.45
CA GLU A 259 35.54 -5.92 12.29
C GLU A 259 34.16 -5.56 11.81
N THR A 260 33.67 -4.42 12.25
CA THR A 260 32.37 -3.98 11.81
C THR A 260 32.64 -2.88 10.79
N THR A 261 32.03 -3.00 9.61
CA THR A 261 32.21 -2.02 8.55
C THR A 261 30.93 -1.78 7.78
N THR A 262 31.03 -0.98 6.73
CA THR A 262 29.88 -0.67 5.90
C THR A 262 30.12 -1.34 4.57
N VAL A 263 29.04 -1.77 3.93
CA VAL A 263 29.14 -2.44 2.64
C VAL A 263 27.91 -2.13 1.80
N PRO A 264 28.07 -2.09 0.47
CA PRO A 264 26.90 -1.81 -0.38
C PRO A 264 25.74 -2.77 -0.11
N GLN A 265 24.55 -2.23 0.14
CA GLN A 265 23.38 -3.04 0.44
C GLN A 265 23.14 -4.11 -0.61
N ASP A 266 22.34 -5.08 -0.25
CA ASP A 266 22.00 -6.17 -1.17
C ASP A 266 20.56 -5.99 -1.60
N ALA A 267 20.08 -6.89 -2.45
CA ALA A 267 18.72 -6.83 -2.95
C ALA A 267 17.66 -6.67 -1.84
N VAL A 268 17.72 -7.54 -0.83
CA VAL A 268 16.76 -7.51 0.27
C VAL A 268 16.74 -6.18 0.98
N SER A 269 17.92 -5.59 1.13
CA SER A 269 18.06 -4.31 1.79
C SER A 269 17.44 -3.21 0.92
N ARG A 270 17.95 -3.07 -0.30
CA ARG A 270 17.47 -2.06 -1.23
C ARG A 270 15.96 -2.16 -1.40
N SER A 271 15.43 -3.37 -1.27
CA SER A 271 14.01 -3.57 -1.42
C SER A 271 13.22 -3.12 -0.20
N GLN A 272 13.65 -3.56 0.98
CA GLN A 272 13.00 -3.20 2.24
C GLN A 272 12.94 -1.70 2.45
N ARG A 273 14.03 -1.01 2.15
CA ARG A 273 14.05 0.44 2.31
C ARG A 273 13.14 1.07 1.27
N ARG A 274 13.42 0.81 0.00
CA ARG A 274 12.59 1.35 -1.07
C ARG A 274 11.12 1.07 -0.85
N GLY A 275 10.83 -0.01 -0.13
CA GLY A 275 9.46 -0.40 0.12
C GLY A 275 8.72 0.41 1.16
N ARG A 276 9.36 1.41 1.73
CA ARG A 276 8.71 2.24 2.74
C ARG A 276 7.89 3.34 2.07
N THR A 277 7.89 3.37 0.74
CA THR A 277 7.15 4.38 -0.01
C THR A 277 6.47 3.75 -1.21
N GLY A 278 5.25 4.18 -1.52
CA GLY A 278 4.54 3.62 -2.66
C GLY A 278 3.44 2.67 -2.24
N ARG A 279 2.88 2.91 -1.07
CA ARG A 279 1.82 2.08 -0.53
C ARG A 279 0.48 2.79 -0.68
N GLY A 280 -0.34 2.31 -1.62
CA GLY A 280 -1.64 2.92 -1.83
C GLY A 280 -1.54 4.28 -2.49
N ARG A 281 -0.39 4.53 -3.13
CA ARG A 281 -0.17 5.80 -3.82
C ARG A 281 1.19 5.84 -4.52
N MET A 282 1.38 6.84 -5.36
CA MET A 282 2.61 6.99 -6.12
C MET A 282 3.73 7.51 -5.23
N GLY A 283 4.87 6.81 -5.24
CA GLY A 283 6.01 7.22 -4.43
C GLY A 283 7.26 7.39 -5.24
N ILE A 284 8.35 7.80 -4.58
CA ILE A 284 9.63 8.00 -5.26
C ILE A 284 10.78 7.33 -4.51
N TYR A 285 11.89 7.11 -5.19
CA TYR A 285 13.03 6.48 -4.56
C TYR A 285 14.32 7.07 -5.09
N ARG A 286 15.03 7.82 -4.25
CA ARG A 286 16.29 8.44 -4.65
C ARG A 286 17.47 7.67 -4.08
N PHE A 287 18.37 7.24 -4.95
CA PHE A 287 19.52 6.47 -4.50
C PHE A 287 20.86 7.11 -4.83
N VAL A 288 21.92 6.57 -4.24
CA VAL A 288 23.27 7.08 -4.44
C VAL A 288 24.03 6.17 -5.40
N THR A 289 23.60 4.91 -5.47
CA THR A 289 24.21 3.90 -6.35
C THR A 289 23.15 2.96 -6.89
N PRO A 290 23.16 2.73 -8.21
CA PRO A 290 22.19 1.83 -8.86
C PRO A 290 22.41 0.37 -8.51
N GLY A 291 23.62 -0.10 -8.79
CA GLY A 291 23.95 -1.49 -8.54
C GLY A 291 23.47 -2.02 -7.21
N GLU A 292 23.57 -3.34 -7.06
CA GLU A 292 23.17 -4.01 -5.83
C GLU A 292 23.73 -5.43 -5.80
N ARG A 293 24.09 -5.88 -4.60
CA ARG A 293 24.63 -7.23 -4.43
C ARG A 293 23.48 -8.22 -4.30
N PRO A 294 23.52 -9.30 -5.09
CA PRO A 294 22.48 -10.34 -5.08
C PRO A 294 22.33 -10.95 -3.68
N SER A 295 21.10 -11.10 -3.23
CA SER A 295 20.85 -11.67 -1.91
C SER A 295 21.27 -13.12 -1.90
N GLY A 296 21.42 -13.69 -0.70
CA GLY A 296 21.80 -15.09 -0.60
C GLY A 296 23.22 -15.38 -0.18
N MET A 297 23.86 -14.43 0.51
CA MET A 297 25.22 -14.63 0.97
C MET A 297 25.49 -13.92 2.29
N PHE A 298 25.99 -14.66 3.27
CA PHE A 298 26.32 -14.06 4.54
C PHE A 298 27.75 -14.41 4.89
N ASP A 299 28.34 -13.59 5.74
CA ASP A 299 29.73 -13.76 6.14
C ASP A 299 29.95 -14.86 7.18
N SER A 300 31.17 -15.38 7.20
CA SER A 300 31.57 -16.43 8.13
C SER A 300 31.44 -15.96 9.58
N SER A 301 31.58 -14.66 9.81
CA SER A 301 31.47 -14.15 11.17
C SER A 301 30.09 -14.49 11.73
N VAL A 302 29.12 -14.71 10.84
CA VAL A 302 27.77 -15.06 11.27
C VAL A 302 27.79 -16.47 11.88
N LEU A 303 28.58 -17.36 11.29
CA LEU A 303 28.66 -18.70 11.83
C LEU A 303 29.25 -18.60 13.23
N CYS A 304 30.25 -17.73 13.38
CA CYS A 304 30.92 -17.50 14.65
C CYS A 304 29.90 -17.03 15.68
N GLU A 305 28.93 -16.22 15.24
CA GLU A 305 27.89 -15.74 16.14
C GLU A 305 27.00 -16.86 16.67
N CYS A 306 26.71 -17.82 15.79
CA CYS A 306 25.86 -18.96 16.14
C CYS A 306 26.47 -19.81 17.23
N TYR A 307 27.77 -20.06 17.13
CA TYR A 307 28.47 -20.81 18.17
C TYR A 307 28.47 -19.98 19.47
N ASP A 308 28.70 -18.67 19.34
CA ASP A 308 28.71 -17.80 20.50
C ASP A 308 27.34 -17.85 21.19
N ALA A 309 26.26 -17.68 20.42
CA ALA A 309 24.89 -17.73 20.99
C ALA A 309 24.58 -19.11 21.55
N GLY A 310 25.09 -20.13 20.87
CA GLY A 310 24.84 -21.46 21.33
C GLY A 310 25.49 -21.64 22.70
N CYS A 311 26.61 -20.96 22.92
CA CYS A 311 27.31 -21.07 24.19
C CYS A 311 26.77 -20.16 25.25
N ALA A 312 26.43 -18.94 24.85
CA ALA A 312 25.95 -17.95 25.79
C ALA A 312 24.47 -17.99 26.10
N TRP A 313 23.66 -18.39 25.12
CA TRP A 313 22.22 -18.39 25.31
C TRP A 313 21.47 -19.71 25.32
N TYR A 314 21.80 -20.60 24.40
CA TYR A 314 21.06 -21.84 24.28
C TYR A 314 21.72 -23.10 24.84
N GLU A 315 22.75 -22.91 25.66
CA GLU A 315 23.43 -24.04 26.25
C GLU A 315 23.77 -25.17 25.28
N LEU A 316 24.26 -24.81 24.10
CA LEU A 316 24.63 -25.80 23.08
C LEU A 316 26.14 -25.96 22.99
N THR A 317 26.65 -27.16 23.15
CA THR A 317 28.08 -27.36 23.01
C THR A 317 28.49 -27.05 21.56
N PRO A 318 29.75 -26.68 21.34
CA PRO A 318 30.15 -26.40 19.95
C PRO A 318 29.76 -27.54 19.01
N ALA A 319 30.02 -28.76 19.42
CA ALA A 319 29.70 -29.91 18.59
C ALA A 319 28.22 -29.89 18.21
N GLU A 320 27.35 -29.78 19.21
CA GLU A 320 25.90 -29.73 19.03
C GLU A 320 25.52 -28.66 18.02
N THR A 321 26.11 -27.49 18.20
CA THR A 321 25.82 -26.40 17.31
C THR A 321 26.20 -26.76 15.88
N SER A 322 27.29 -27.49 15.72
CA SER A 322 27.71 -27.86 14.38
C SER A 322 26.71 -28.75 13.66
N VAL A 323 26.00 -29.56 14.43
CA VAL A 323 25.01 -30.43 13.83
C VAL A 323 23.95 -29.60 13.13
N ARG A 324 23.36 -28.66 13.86
CA ARG A 324 22.29 -27.83 13.32
C ARG A 324 22.78 -26.91 12.19
N LEU A 325 23.99 -26.37 12.31
CA LEU A 325 24.49 -25.52 11.25
C LEU A 325 24.75 -26.36 10.01
N ARG A 326 25.38 -27.51 10.21
CA ARG A 326 25.67 -28.43 9.11
C ARG A 326 24.41 -28.73 8.29
N ALA A 327 23.30 -29.04 8.97
CA ALA A 327 22.05 -29.33 8.25
C ALA A 327 21.61 -28.15 7.38
N TYR A 328 21.71 -26.95 7.94
CA TYR A 328 21.36 -25.72 7.25
C TYR A 328 22.26 -25.57 6.01
N LEU A 329 23.55 -25.84 6.18
CA LEU A 329 24.48 -25.71 5.06
C LEU A 329 24.39 -26.84 4.03
N ASN A 330 23.72 -27.92 4.41
CA ASN A 330 23.57 -29.06 3.52
C ASN A 330 22.22 -29.06 2.83
N THR A 331 21.46 -27.99 3.00
CA THR A 331 20.13 -27.88 2.41
C THR A 331 20.09 -26.83 1.32
N PRO A 332 19.83 -27.23 0.08
CA PRO A 332 19.77 -26.31 -1.06
C PRO A 332 18.65 -25.29 -1.00
N GLY A 333 18.85 -24.17 -1.68
CA GLY A 333 17.82 -23.16 -1.69
C GLY A 333 17.85 -22.20 -0.54
N LEU A 334 18.95 -22.20 0.22
CA LEU A 334 19.12 -21.29 1.35
C LEU A 334 20.36 -20.46 1.16
N PRO A 335 20.46 -19.37 1.92
CA PRO A 335 21.63 -18.51 1.82
C PRO A 335 22.90 -19.29 2.08
N VAL A 336 23.92 -19.04 1.27
CA VAL A 336 25.19 -19.75 1.37
C VAL A 336 26.33 -18.96 1.99
N CYS A 337 27.31 -19.69 2.48
CA CYS A 337 28.45 -19.10 3.15
C CYS A 337 29.59 -20.10 3.24
N GLN A 338 30.82 -19.60 3.24
CA GLN A 338 31.98 -20.48 3.34
C GLN A 338 31.82 -21.42 4.54
N ASP A 339 32.00 -22.71 4.30
CA ASP A 339 31.88 -23.70 5.35
C ASP A 339 33.05 -23.61 6.34
N HIS A 340 32.80 -23.01 7.49
CA HIS A 340 33.85 -22.88 8.50
C HIS A 340 33.41 -23.50 9.81
N LEU A 341 32.46 -24.42 9.73
CA LEU A 341 31.95 -25.07 10.94
C LEU A 341 33.04 -25.72 11.74
N GLU A 342 33.94 -26.42 11.05
CA GLU A 342 35.02 -27.14 11.71
C GLU A 342 35.96 -26.21 12.48
N PHE A 343 36.31 -25.09 11.84
CA PHE A 343 37.18 -24.07 12.42
C PHE A 343 36.52 -23.41 13.62
N TRP A 344 35.38 -22.78 13.37
CA TRP A 344 34.68 -22.12 14.46
C TRP A 344 34.41 -23.08 15.61
N GLU A 345 34.02 -24.31 15.30
CA GLU A 345 33.73 -25.27 16.37
C GLU A 345 34.97 -25.54 17.20
N SER A 346 36.10 -25.72 16.53
CA SER A 346 37.33 -26.02 17.26
C SER A 346 37.70 -24.85 18.15
N VAL A 347 37.52 -23.64 17.64
CA VAL A 347 37.86 -22.47 18.43
C VAL A 347 37.05 -22.44 19.71
N PHE A 348 35.74 -22.55 19.60
CA PHE A 348 34.94 -22.49 20.81
C PHE A 348 35.15 -23.61 21.79
N THR A 349 35.60 -24.75 21.28
CA THR A 349 35.86 -25.91 22.11
C THR A 349 36.96 -25.61 23.12
N GLY A 350 37.86 -24.70 22.76
CA GLY A 350 38.95 -24.35 23.65
C GLY A 350 38.60 -23.24 24.62
N LEU A 351 37.47 -22.56 24.44
CA LEU A 351 37.11 -21.49 25.37
C LEU A 351 36.31 -22.03 26.55
N THR A 352 36.97 -22.81 27.39
CA THR A 352 36.34 -23.41 28.54
C THR A 352 36.55 -22.65 29.86
N HIS A 353 35.65 -22.90 30.81
CA HIS A 353 35.71 -22.27 32.14
C HIS A 353 35.55 -20.76 32.13
N ILE A 354 34.68 -20.26 31.25
CA ILE A 354 34.48 -18.82 31.20
C ILE A 354 33.93 -18.39 32.57
N ASP A 355 34.05 -17.10 32.87
CA ASP A 355 33.58 -16.55 34.15
C ASP A 355 32.09 -16.33 34.06
N ALA A 356 31.35 -17.01 34.92
CA ALA A 356 29.90 -16.91 34.94
C ALA A 356 29.41 -15.47 35.00
N HIS A 357 30.00 -14.71 35.90
CA HIS A 357 29.61 -13.33 36.10
C HIS A 357 29.83 -12.50 34.85
N PHE A 358 31.04 -12.53 34.30
CA PHE A 358 31.33 -11.78 33.09
C PHE A 358 30.37 -12.13 31.96
N LEU A 359 30.12 -13.43 31.76
CA LEU A 359 29.23 -13.89 30.69
C LEU A 359 27.88 -13.25 30.84
N SER A 360 27.41 -13.27 32.07
CA SER A 360 26.13 -12.68 32.41
C SER A 360 26.04 -11.22 32.03
N GLN A 361 27.10 -10.47 32.35
CA GLN A 361 27.16 -9.05 32.06
C GLN A 361 27.22 -8.69 30.57
N THR A 362 28.01 -9.43 29.80
CA THR A 362 28.07 -9.12 28.38
C THR A 362 26.73 -9.46 27.73
N LYS A 363 26.09 -10.53 28.22
CA LYS A 363 24.80 -10.89 27.67
C LYS A 363 23.81 -9.81 28.01
N GLN A 364 23.80 -9.39 29.27
CA GLN A 364 22.86 -8.37 29.74
C GLN A 364 23.08 -7.05 29.05
N ALA A 365 24.32 -6.78 28.67
CA ALA A 365 24.66 -5.55 27.99
C ALA A 365 24.23 -5.57 26.54
N GLY A 366 23.83 -6.74 26.04
CA GLY A 366 23.38 -6.86 24.65
C GLY A 366 24.48 -6.69 23.62
N ASP A 367 25.69 -6.92 24.08
CA ASP A 367 26.86 -6.80 23.24
C ASP A 367 26.97 -7.98 22.27
N ASN A 368 27.43 -7.70 21.06
CA ASN A 368 27.59 -8.76 20.09
C ASN A 368 28.76 -9.60 20.56
N PHE A 369 28.66 -10.91 20.29
CA PHE A 369 29.67 -11.90 20.68
C PHE A 369 29.91 -11.88 22.18
N PRO A 370 28.82 -11.84 22.97
CA PRO A 370 29.03 -11.81 24.42
C PRO A 370 29.96 -12.90 24.95
N TYR A 371 29.91 -14.09 24.36
CA TYR A 371 30.76 -15.17 24.84
C TYR A 371 32.23 -14.87 24.57
N LEU A 372 32.54 -14.46 23.34
CA LEU A 372 33.91 -14.18 23.00
C LEU A 372 34.43 -13.04 23.85
N VAL A 373 33.60 -12.01 24.01
CA VAL A 373 33.95 -10.86 24.83
C VAL A 373 34.12 -11.28 26.29
N ALA A 374 33.14 -11.98 26.85
CA ALA A 374 33.25 -12.39 28.24
C ALA A 374 34.45 -13.31 28.44
N TYR A 375 34.77 -14.15 27.45
CA TYR A 375 35.90 -15.06 27.60
C TYR A 375 37.23 -14.31 27.64
N GLN A 376 37.39 -13.33 26.76
CA GLN A 376 38.60 -12.53 26.73
C GLN A 376 38.70 -11.85 28.11
N ALA A 377 37.61 -11.26 28.58
CA ALA A 377 37.64 -10.62 29.90
C ALA A 377 38.01 -11.65 30.97
N THR A 378 37.56 -12.89 30.80
CA THR A 378 37.84 -13.95 31.77
C THR A 378 39.33 -14.24 31.85
N VAL A 379 39.96 -14.30 30.68
CA VAL A 379 41.38 -14.56 30.59
C VAL A 379 42.14 -13.38 31.16
N CYS A 380 41.83 -12.16 30.70
CA CYS A 380 42.53 -10.99 31.22
C CYS A 380 42.54 -10.99 32.77
N ALA A 381 41.37 -11.02 33.39
CA ALA A 381 41.27 -11.02 34.86
C ALA A 381 42.09 -12.13 35.48
N ARG A 382 41.98 -13.31 34.87
CA ARG A 382 42.70 -14.47 35.35
C ARG A 382 44.22 -14.29 35.25
N ALA A 383 44.65 -13.27 34.51
CA ALA A 383 46.09 -12.97 34.36
C ALA A 383 46.38 -11.58 34.88
N GLN A 384 45.45 -11.04 35.68
CA GLN A 384 45.55 -9.70 36.23
C GLN A 384 46.03 -8.72 35.17
N ALA A 385 45.62 -8.97 33.93
CA ALA A 385 46.04 -8.14 32.81
C ALA A 385 44.91 -7.25 32.29
N PRO A 386 45.24 -6.04 31.84
CA PRO A 386 44.16 -5.19 31.34
C PRO A 386 43.53 -5.71 30.04
N PRO A 387 42.28 -5.29 29.74
CA PRO A 387 41.62 -5.74 28.51
C PRO A 387 42.22 -4.96 27.34
N PRO A 388 41.93 -5.37 26.08
CA PRO A 388 42.44 -4.72 24.87
C PRO A 388 42.27 -3.20 24.87
N SER A 389 41.21 -2.72 25.51
CA SER A 389 40.95 -1.29 25.59
C SER A 389 39.88 -1.08 26.62
N TRP A 390 39.58 0.17 26.91
CA TRP A 390 38.52 0.45 27.88
C TRP A 390 37.30 0.98 27.19
N ASP A 391 37.04 0.40 26.02
CA ASP A 391 35.89 0.73 25.23
C ASP A 391 34.70 0.14 25.98
N GLN A 392 33.51 0.64 25.70
CA GLN A 392 32.33 0.18 26.42
C GLN A 392 32.15 -1.35 26.41
N MET A 393 32.77 -2.05 25.46
CA MET A 393 32.57 -3.51 25.45
C MET A 393 33.38 -4.28 26.49
N TRP A 394 34.10 -3.57 27.35
CA TRP A 394 34.89 -4.23 28.38
C TRP A 394 34.52 -3.75 29.76
N LYS A 395 33.41 -3.02 29.84
CA LYS A 395 32.97 -2.45 31.10
C LYS A 395 32.77 -3.43 32.24
N CYS A 396 32.81 -4.72 31.93
CA CYS A 396 32.61 -5.74 32.94
C CYS A 396 33.86 -5.99 33.75
N LEU A 397 34.92 -5.27 33.42
CA LEU A 397 36.23 -5.38 34.09
C LEU A 397 36.61 -4.07 34.79
N ILE A 398 35.78 -3.04 34.63
CA ILE A 398 36.04 -1.73 35.23
C ILE A 398 36.40 -1.80 36.70
N ARG A 399 35.63 -2.54 37.47
CA ARG A 399 35.92 -2.64 38.89
C ARG A 399 37.29 -3.28 39.20
N LEU A 400 37.93 -3.83 38.19
CA LEU A 400 39.23 -4.49 38.38
C LEU A 400 40.40 -3.69 37.85
N LYS A 401 40.12 -2.53 37.30
CA LYS A 401 41.17 -1.71 36.73
C LYS A 401 42.40 -1.52 37.63
N PRO A 402 42.20 -1.17 38.90
CA PRO A 402 43.31 -0.96 39.85
C PRO A 402 44.37 -2.05 39.92
N THR A 403 43.92 -3.30 39.88
CA THR A 403 44.83 -4.43 39.97
C THR A 403 45.24 -5.08 38.64
N LEU A 404 44.88 -4.47 37.52
CA LEU A 404 45.22 -5.01 36.21
C LEU A 404 46.36 -4.25 35.59
N HIS A 405 47.47 -4.95 35.36
CA HIS A 405 48.65 -4.34 34.78
C HIS A 405 49.28 -5.24 33.72
N GLY A 406 50.22 -4.67 32.96
CA GLY A 406 50.91 -5.42 31.92
C GLY A 406 50.19 -5.55 30.59
N PRO A 407 50.73 -6.38 29.68
CA PRO A 407 50.17 -6.62 28.36
C PRO A 407 48.89 -7.44 28.42
N THR A 408 48.08 -7.28 27.39
CA THR A 408 46.84 -8.02 27.30
C THR A 408 47.08 -9.36 26.58
N PRO A 409 46.57 -10.48 27.13
CA PRO A 409 46.71 -11.81 26.53
C PRO A 409 45.69 -11.77 25.40
N LEU A 410 46.11 -11.35 24.21
CA LEU A 410 45.18 -11.23 23.10
C LEU A 410 44.80 -12.58 22.50
N LEU A 411 43.51 -12.89 22.49
CA LEU A 411 42.99 -14.15 21.95
C LEU A 411 42.54 -13.90 20.51
N TYR A 412 41.97 -12.73 20.26
CA TYR A 412 41.50 -12.39 18.93
C TYR A 412 41.22 -10.92 19.00
N ARG A 413 40.86 -10.33 17.86
CA ARG A 413 40.60 -8.90 17.80
C ARG A 413 39.13 -8.56 17.52
N LEU A 414 38.48 -7.99 18.53
CA LEU A 414 37.07 -7.61 18.43
C LEU A 414 37.05 -6.09 18.53
N GLY A 415 37.52 -5.41 17.50
CA GLY A 415 37.55 -3.96 17.55
C GLY A 415 38.98 -3.49 17.77
N ALA A 416 39.12 -2.19 18.05
CA ALA A 416 40.41 -1.56 18.26
C ALA A 416 41.08 -2.06 19.53
N VAL A 417 42.40 -2.21 19.46
CA VAL A 417 43.18 -2.65 20.60
C VAL A 417 44.17 -1.53 20.94
N GLN A 418 43.92 -0.81 22.03
CA GLN A 418 44.80 0.28 22.41
C GLN A 418 45.90 -0.14 23.38
N ASN A 419 45.71 -1.24 24.09
CA ASN A 419 46.72 -1.68 25.03
C ASN A 419 47.78 -2.55 24.37
N GLU A 420 48.95 -2.64 25.01
CA GLU A 420 50.04 -3.44 24.48
C GLU A 420 49.56 -4.89 24.54
N VAL A 421 50.02 -5.69 23.60
CA VAL A 421 49.59 -7.07 23.46
C VAL A 421 50.66 -8.14 23.66
N THR A 422 50.26 -9.30 24.17
CA THR A 422 51.20 -10.40 24.31
C THR A 422 50.55 -11.56 23.57
N THR A 423 51.30 -12.62 23.31
CA THR A 423 50.70 -13.74 22.58
C THR A 423 51.13 -15.05 23.17
N THR A 424 51.70 -14.98 24.36
CA THR A 424 52.22 -16.15 25.03
C THR A 424 51.18 -17.00 25.74
N HIS A 425 49.97 -16.49 25.89
CA HIS A 425 48.92 -17.22 26.61
C HIS A 425 48.53 -18.51 25.89
N PRO A 426 48.46 -19.62 26.65
CA PRO A 426 48.11 -20.92 26.06
C PRO A 426 46.88 -20.90 25.14
N ILE A 427 45.83 -20.19 25.52
CA ILE A 427 44.61 -20.13 24.70
C ILE A 427 44.84 -19.47 23.35
N THR A 428 45.73 -18.49 23.32
CA THR A 428 46.05 -17.81 22.08
C THR A 428 46.77 -18.82 21.16
N LYS A 429 47.64 -19.63 21.78
CA LYS A 429 48.40 -20.63 21.05
C LYS A 429 47.49 -21.72 20.49
N TYR A 430 46.45 -22.05 21.23
CA TYR A 430 45.49 -23.03 20.79
C TYR A 430 44.77 -22.47 19.56
N ILE A 431 44.28 -21.25 19.67
CA ILE A 431 43.55 -20.67 18.55
C ILE A 431 44.50 -20.48 17.37
N MET A 432 45.73 -20.08 17.65
CA MET A 432 46.69 -19.95 16.57
C MET A 432 46.77 -21.29 15.86
N ALA A 433 46.79 -22.39 16.61
CA ALA A 433 46.84 -23.71 15.99
C ALA A 433 45.61 -24.02 15.15
N CYS A 434 44.42 -23.58 15.56
CA CYS A 434 43.23 -23.88 14.79
C CYS A 434 43.27 -23.20 13.43
N MET A 435 43.96 -22.06 13.34
CA MET A 435 44.08 -21.38 12.07
C MET A 435 44.80 -22.32 11.06
N SER A 436 45.24 -23.49 11.52
CA SER A 436 45.95 -24.48 10.69
C SER A 436 45.32 -25.89 10.80
N SER B 1 7.59 2.32 -23.17
CA SER B 1 6.93 0.98 -23.10
C SER B 1 5.54 0.99 -23.76
N PRO B 2 4.75 2.07 -23.55
CA PRO B 2 3.42 2.18 -24.14
C PRO B 2 3.47 2.19 -25.67
N PRO B 3 2.32 2.14 -26.33
CA PRO B 3 2.26 2.15 -27.80
C PRO B 3 3.08 3.30 -28.40
N ALA B 4 4.00 2.98 -29.30
CA ALA B 4 4.82 4.01 -29.94
C ALA B 4 3.92 4.91 -30.78
N VAL B 5 4.23 6.20 -30.82
CA VAL B 5 3.47 7.19 -31.58
C VAL B 5 3.47 6.85 -33.07
N PRO B 6 2.31 6.45 -33.61
CA PRO B 6 2.17 6.10 -35.04
C PRO B 6 2.32 7.33 -35.94
N GLN B 7 2.71 7.08 -37.18
CA GLN B 7 2.88 8.14 -38.15
C GLN B 7 1.50 8.67 -38.57
N THR B 8 0.52 7.78 -38.51
CA THR B 8 -0.86 8.09 -38.85
C THR B 8 -1.71 7.98 -37.58
N PHE B 9 -2.68 8.89 -37.44
CA PHE B 9 -3.56 8.88 -36.28
C PHE B 9 -3.97 7.46 -35.94
N GLN B 10 -4.20 7.21 -34.65
CA GLN B 10 -4.58 5.89 -34.20
C GLN B 10 -5.07 5.94 -32.76
N VAL B 11 -6.07 5.12 -32.47
CA VAL B 11 -6.62 5.02 -31.12
C VAL B 11 -6.17 3.69 -30.55
N ALA B 12 -5.52 3.72 -29.39
CA ALA B 12 -5.04 2.48 -28.78
C ALA B 12 -5.55 2.31 -27.36
N HIS B 13 -5.70 1.07 -26.95
CA HIS B 13 -6.18 0.74 -25.60
C HIS B 13 -4.97 0.39 -24.73
N LEU B 14 -5.00 0.80 -23.47
CA LEU B 14 -3.91 0.50 -22.57
C LEU B 14 -4.46 -0.13 -21.29
N HIS B 15 -4.47 -1.46 -21.24
CA HIS B 15 -4.97 -2.19 -20.07
C HIS B 15 -3.82 -2.55 -19.14
N ALA B 16 -3.56 -1.69 -18.16
CA ALA B 16 -2.48 -1.93 -17.21
C ALA B 16 -3.00 -1.80 -15.79
N PRO B 17 -2.53 -2.67 -14.89
CA PRO B 17 -2.94 -2.66 -13.48
C PRO B 17 -2.46 -1.45 -12.70
N THR B 18 -2.98 -1.31 -11.48
CA THR B 18 -2.61 -0.19 -10.61
C THR B 18 -2.68 1.15 -11.35
N GLY B 19 -3.90 1.68 -11.42
CA GLY B 19 -4.13 2.94 -12.09
C GLY B 19 -3.36 4.09 -11.46
N SER B 20 -2.16 4.34 -11.99
CA SER B 20 -1.30 5.41 -11.48
C SER B 20 -0.15 5.67 -12.45
N GLY B 21 0.64 4.62 -12.72
CA GLY B 21 1.76 4.74 -13.64
C GLY B 21 1.30 5.14 -15.03
N LYS B 22 0.14 4.63 -15.44
CA LYS B 22 -0.41 4.93 -16.76
C LYS B 22 -0.70 6.41 -16.95
N SER B 23 -0.62 7.21 -15.89
CA SER B 23 -0.86 8.63 -16.01
C SER B 23 0.30 9.45 -15.44
N THR B 24 1.44 8.80 -15.26
CA THR B 24 2.64 9.45 -14.73
C THR B 24 3.87 8.99 -15.50
N LYS B 25 4.17 7.69 -15.48
CA LYS B 25 5.34 7.21 -16.21
C LYS B 25 5.08 7.23 -17.71
N VAL B 26 3.89 6.84 -18.12
CA VAL B 26 3.54 6.81 -19.52
C VAL B 26 3.68 8.18 -20.16
N PRO B 27 2.96 9.18 -19.64
CA PRO B 27 3.07 10.51 -20.24
C PRO B 27 4.49 11.07 -20.15
N ALA B 28 5.21 10.71 -19.09
CA ALA B 28 6.58 11.20 -18.91
C ALA B 28 7.53 10.64 -19.99
N ALA B 29 7.28 9.42 -20.43
CA ALA B 29 8.09 8.79 -21.46
C ALA B 29 7.84 9.47 -22.81
N TYR B 30 6.58 9.82 -23.09
CA TYR B 30 6.25 10.49 -24.34
C TYR B 30 6.81 11.91 -24.36
N ALA B 31 6.86 12.53 -23.18
CA ALA B 31 7.37 13.88 -23.07
C ALA B 31 8.87 13.89 -23.29
N ALA B 32 9.53 12.82 -22.85
CA ALA B 32 10.96 12.67 -23.00
C ALA B 32 11.32 12.53 -24.47
N GLN B 33 10.32 12.52 -25.34
CA GLN B 33 10.57 12.42 -26.77
C GLN B 33 10.08 13.66 -27.50
N GLY B 34 9.78 14.70 -26.73
CA GLY B 34 9.31 15.94 -27.33
C GLY B 34 7.90 15.94 -27.86
N TYR B 35 7.04 15.08 -27.32
CA TYR B 35 5.65 15.01 -27.73
C TYR B 35 4.76 15.72 -26.70
N LYS B 36 4.05 16.77 -27.10
CA LYS B 36 3.15 17.46 -26.17
C LYS B 36 2.02 16.51 -25.78
N VAL B 37 1.92 16.16 -24.50
CA VAL B 37 0.91 15.23 -24.07
C VAL B 37 -0.13 15.83 -23.17
N LEU B 38 -1.37 15.39 -23.35
CA LEU B 38 -2.47 15.86 -22.52
C LEU B 38 -3.05 14.64 -21.83
N VAL B 39 -3.09 14.68 -20.51
CA VAL B 39 -3.64 13.55 -19.76
C VAL B 39 -4.96 13.96 -19.16
N LEU B 40 -6.03 13.25 -19.51
CA LEU B 40 -7.34 13.59 -18.97
C LEU B 40 -7.77 12.60 -17.90
N ASN B 41 -8.32 13.15 -16.81
CA ASN B 41 -8.82 12.37 -15.68
C ASN B 41 -10.15 12.89 -15.17
N PRO B 42 -11.04 11.98 -14.77
CA PRO B 42 -12.33 12.47 -14.29
C PRO B 42 -12.26 13.25 -12.98
N SER B 43 -11.40 12.81 -12.05
CA SER B 43 -11.26 13.45 -10.75
C SER B 43 -10.48 14.75 -10.74
N VAL B 44 -10.95 15.71 -9.96
CA VAL B 44 -10.27 17.00 -9.82
C VAL B 44 -9.06 16.81 -8.93
N ALA B 45 -9.30 16.19 -7.77
CA ALA B 45 -8.21 15.93 -6.85
C ALA B 45 -7.13 15.13 -7.59
N ALA B 46 -7.53 14.05 -8.24
CA ALA B 46 -6.59 13.20 -8.97
C ALA B 46 -5.71 14.03 -9.89
N THR B 47 -6.35 14.88 -10.70
CA THR B 47 -5.62 15.72 -11.62
C THR B 47 -4.62 16.59 -10.90
N LEU B 48 -5.10 17.26 -9.84
CA LEU B 48 -4.26 18.14 -9.04
C LEU B 48 -3.10 17.38 -8.44
N GLY B 49 -3.40 16.17 -7.97
CA GLY B 49 -2.39 15.35 -7.35
C GLY B 49 -1.38 14.88 -8.37
N PHE B 50 -1.84 14.54 -9.56
CA PHE B 50 -0.92 14.06 -10.58
C PHE B 50 0.07 15.14 -10.93
N GLY B 51 -0.36 16.41 -10.87
CA GLY B 51 0.54 17.49 -11.20
C GLY B 51 1.64 17.65 -10.17
N ALA B 52 1.26 17.62 -8.90
CA ALA B 52 2.20 17.78 -7.78
C ALA B 52 3.25 16.67 -7.81
N TYR B 53 2.82 15.46 -8.11
CA TYR B 53 3.76 14.36 -8.16
C TYR B 53 4.76 14.51 -9.30
N MET B 54 4.27 14.80 -10.50
CA MET B 54 5.17 14.93 -11.64
C MET B 54 6.23 15.98 -11.41
N SER B 55 5.87 17.01 -10.66
CA SER B 55 6.80 18.09 -10.40
C SER B 55 8.08 17.59 -9.74
N LYS B 56 7.95 16.73 -8.76
CA LYS B 56 9.10 16.21 -8.05
C LYS B 56 9.60 14.88 -8.61
N ALA B 57 8.70 14.12 -9.23
CA ALA B 57 9.07 12.82 -9.77
C ALA B 57 9.86 12.89 -11.07
N HIS B 58 9.63 13.93 -11.85
CA HIS B 58 10.32 14.08 -13.13
C HIS B 58 10.87 15.50 -13.30
N GLY B 59 10.86 16.27 -12.21
CA GLY B 59 11.37 17.63 -12.25
C GLY B 59 10.73 18.49 -13.32
N ILE B 60 9.49 18.15 -13.67
CA ILE B 60 8.75 18.87 -14.69
C ILE B 60 7.38 19.32 -14.20
N ASP B 61 7.20 20.64 -14.08
CA ASP B 61 5.94 21.19 -13.62
C ASP B 61 4.97 21.22 -14.79
N PRO B 62 3.93 20.39 -14.73
CA PRO B 62 2.93 20.31 -15.80
C PRO B 62 1.86 21.39 -15.68
N ASN B 63 1.11 21.58 -16.76
CA ASN B 63 0.02 22.56 -16.75
C ASN B 63 -1.15 21.87 -16.07
N ILE B 64 -1.93 22.60 -15.29
CA ILE B 64 -3.08 21.98 -14.63
C ILE B 64 -4.35 22.72 -14.98
N ARG B 65 -5.35 22.02 -15.50
CA ARG B 65 -6.61 22.68 -15.83
C ARG B 65 -7.78 22.00 -15.16
N THR B 66 -8.39 22.70 -14.20
CA THR B 66 -9.57 22.17 -13.49
C THR B 66 -10.58 23.28 -13.23
N GLY B 67 -11.61 22.95 -12.46
CA GLY B 67 -12.63 23.94 -12.17
C GLY B 67 -12.15 25.00 -11.20
N VAL B 68 -11.68 24.55 -10.04
CA VAL B 68 -11.20 25.43 -8.98
C VAL B 68 -9.90 26.17 -9.27
N ARG B 69 -8.93 25.50 -9.90
CA ARG B 69 -7.66 26.15 -10.17
C ARG B 69 -7.13 25.78 -11.53
N THR B 70 -6.41 26.70 -12.15
CA THR B 70 -5.82 26.48 -13.47
C THR B 70 -4.40 27.05 -13.49
N ILE B 71 -3.41 26.18 -13.57
CA ILE B 71 -2.01 26.59 -13.59
C ILE B 71 -1.42 26.42 -14.98
N THR B 72 -0.64 27.41 -15.40
CA THR B 72 -0.01 27.35 -16.71
C THR B 72 1.48 27.49 -16.51
N THR B 73 2.24 26.54 -17.03
CA THR B 73 3.69 26.57 -16.87
C THR B 73 4.38 26.57 -18.21
N GLY B 74 3.63 26.25 -19.26
CA GLY B 74 4.23 26.21 -20.58
C GLY B 74 4.87 24.87 -20.83
N ALA B 75 4.78 23.97 -19.86
CA ALA B 75 5.36 22.63 -20.00
C ALA B 75 4.63 21.83 -21.08
N PRO B 76 5.34 20.90 -21.76
CA PRO B 76 4.79 20.04 -22.81
C PRO B 76 3.65 19.13 -22.32
N ILE B 77 3.63 18.81 -21.03
CA ILE B 77 2.58 17.96 -20.46
C ILE B 77 1.51 18.83 -19.80
N THR B 78 0.26 18.42 -19.97
CA THR B 78 -0.87 19.13 -19.41
C THR B 78 -1.84 18.18 -18.77
N TYR B 79 -2.15 18.40 -17.51
CA TYR B 79 -3.09 17.53 -16.82
C TYR B 79 -4.40 18.29 -16.69
N SER B 80 -5.48 17.64 -17.11
CA SER B 80 -6.81 18.27 -17.03
C SER B 80 -7.94 17.27 -16.77
N THR B 81 -9.03 17.76 -16.17
CA THR B 81 -10.19 16.88 -15.95
C THR B 81 -11.02 16.94 -17.24
N TYR B 82 -11.85 15.91 -17.43
CA TYR B 82 -12.72 15.88 -18.57
C TYR B 82 -13.63 17.09 -18.51
N GLY B 83 -13.98 17.50 -17.29
CA GLY B 83 -14.86 18.64 -17.12
C GLY B 83 -14.29 19.89 -17.75
N LYS B 84 -13.14 20.32 -17.21
CA LYS B 84 -12.47 21.50 -17.66
C LYS B 84 -12.13 21.40 -19.15
N PHE B 85 -11.79 20.20 -19.60
CA PHE B 85 -11.47 20.00 -20.99
C PHE B 85 -12.63 20.42 -21.88
N LEU B 86 -13.82 19.92 -21.52
CA LEU B 86 -15.03 20.22 -22.26
C LEU B 86 -15.34 21.72 -22.16
N ALA B 87 -15.25 22.26 -20.95
CA ALA B 87 -15.52 23.67 -20.77
C ALA B 87 -14.58 24.50 -21.64
N ASP B 88 -13.41 23.95 -21.98
CA ASP B 88 -12.48 24.70 -22.81
C ASP B 88 -12.76 24.54 -24.29
N GLY B 89 -13.79 23.78 -24.62
CA GLY B 89 -14.11 23.59 -26.03
C GLY B 89 -13.53 22.31 -26.59
N GLY B 90 -12.66 21.65 -25.82
CA GLY B 90 -12.06 20.42 -26.27
C GLY B 90 -10.73 20.64 -26.95
N CYS B 91 -10.44 19.83 -27.96
CA CYS B 91 -9.19 19.95 -28.69
C CYS B 91 -9.07 21.30 -29.41
N SER B 92 -8.02 22.07 -29.11
CA SER B 92 -7.82 23.37 -29.75
C SER B 92 -6.55 23.38 -30.61
N GLY B 93 -6.73 23.46 -31.92
CA GLY B 93 -5.57 23.47 -32.81
C GLY B 93 -4.69 22.24 -32.65
N GLY B 94 -3.37 22.43 -32.80
CA GLY B 94 -2.44 21.32 -32.66
C GLY B 94 -1.70 21.45 -31.34
N ALA B 95 -2.44 21.68 -30.28
CA ALA B 95 -1.84 21.83 -28.96
C ALA B 95 -1.20 20.54 -28.43
N TYR B 96 -1.67 19.39 -28.92
CA TYR B 96 -1.14 18.11 -28.45
C TYR B 96 -1.04 17.12 -29.57
N ASP B 97 -0.18 16.12 -29.38
CA ASP B 97 0.03 15.08 -30.37
C ASP B 97 -0.39 13.74 -29.80
N ILE B 98 -0.46 13.69 -28.47
CA ILE B 98 -0.85 12.47 -27.78
C ILE B 98 -1.81 12.79 -26.67
N ILE B 99 -3.03 12.29 -26.78
CA ILE B 99 -4.02 12.56 -25.76
C ILE B 99 -4.36 11.29 -25.01
N ILE B 100 -4.09 11.29 -23.72
CA ILE B 100 -4.40 10.12 -22.92
C ILE B 100 -5.72 10.29 -22.16
N CYS B 101 -6.63 9.36 -22.42
CA CYS B 101 -7.92 9.35 -21.77
C CYS B 101 -7.82 8.29 -20.68
N ASP B 102 -7.57 8.75 -19.46
CA ASP B 102 -7.41 7.84 -18.34
C ASP B 102 -8.76 7.49 -17.71
N GLU B 103 -8.83 6.30 -17.12
CA GLU B 103 -10.04 5.79 -16.47
C GLU B 103 -11.16 5.80 -17.48
N CYS B 104 -10.85 5.40 -18.70
CA CYS B 104 -11.83 5.40 -19.76
C CYS B 104 -12.99 4.42 -19.52
N HIS B 105 -12.94 3.68 -18.42
CA HIS B 105 -14.02 2.75 -18.11
C HIS B 105 -15.15 3.49 -17.39
N SER B 106 -14.84 4.68 -16.89
CA SER B 106 -15.80 5.51 -16.18
C SER B 106 -17.05 5.73 -17.02
N THR B 107 -18.21 5.64 -16.39
CA THR B 107 -19.46 5.81 -17.10
C THR B 107 -20.29 7.01 -16.68
N ASP B 108 -19.65 8.14 -16.39
CA ASP B 108 -20.42 9.31 -15.99
C ASP B 108 -20.48 10.32 -17.12
N SER B 109 -21.66 10.90 -17.35
CA SER B 109 -21.85 11.86 -18.43
C SER B 109 -20.60 12.67 -18.79
N THR B 110 -19.91 13.21 -17.79
CA THR B 110 -18.73 14.01 -18.10
C THR B 110 -17.61 13.27 -18.81
N THR B 111 -17.24 12.12 -18.28
CA THR B 111 -16.20 11.33 -18.89
C THR B 111 -16.61 10.87 -20.28
N ILE B 112 -17.83 10.36 -20.41
CA ILE B 112 -18.23 9.89 -21.72
C ILE B 112 -18.30 11.00 -22.74
N LEU B 113 -18.78 12.18 -22.35
CA LEU B 113 -18.87 13.28 -23.30
C LEU B 113 -17.46 13.74 -23.62
N GLY B 114 -16.60 13.62 -22.61
CA GLY B 114 -15.23 14.02 -22.78
C GLY B 114 -14.51 13.13 -23.76
N ILE B 115 -14.51 11.84 -23.48
CA ILE B 115 -13.86 10.88 -24.34
C ILE B 115 -14.46 10.91 -25.75
N GLY B 116 -15.75 11.25 -25.84
CA GLY B 116 -16.38 11.32 -27.14
C GLY B 116 -15.80 12.48 -27.92
N THR B 117 -15.65 13.60 -27.24
CA THR B 117 -15.12 14.79 -27.85
C THR B 117 -13.71 14.60 -28.38
N VAL B 118 -12.85 14.02 -27.57
CA VAL B 118 -11.51 13.79 -28.03
C VAL B 118 -11.56 12.84 -29.23
N LEU B 119 -12.24 11.70 -29.10
CA LEU B 119 -12.30 10.78 -30.24
C LEU B 119 -12.86 11.44 -31.48
N ASP B 120 -13.46 12.60 -31.34
CA ASP B 120 -14.05 13.24 -32.49
C ASP B 120 -13.23 14.38 -33.06
N GLN B 121 -12.51 15.08 -32.19
CA GLN B 121 -11.74 16.22 -32.64
C GLN B 121 -10.26 15.94 -32.69
N ALA B 122 -9.83 14.84 -32.09
CA ALA B 122 -8.41 14.49 -32.02
C ALA B 122 -7.64 14.64 -33.34
N GLU B 123 -7.88 13.74 -34.29
CA GLU B 123 -7.20 13.79 -35.59
C GLU B 123 -7.19 15.19 -36.21
N THR B 124 -8.35 15.73 -36.52
CA THR B 124 -8.42 17.06 -37.10
C THR B 124 -7.64 18.11 -36.33
N ALA B 125 -7.51 17.92 -35.02
CA ALA B 125 -6.81 18.90 -34.20
C ALA B 125 -5.32 18.86 -34.52
N GLY B 126 -4.85 17.65 -34.80
CA GLY B 126 -3.45 17.49 -35.12
C GLY B 126 -2.82 16.37 -34.35
N ALA B 127 -3.54 15.80 -33.39
CA ALA B 127 -3.00 14.70 -32.60
C ALA B 127 -2.65 13.53 -33.51
N ARG B 128 -1.76 12.66 -33.05
CA ARG B 128 -1.36 11.49 -33.84
C ARG B 128 -1.72 10.21 -33.12
N LEU B 129 -2.12 10.33 -31.85
CA LEU B 129 -2.49 9.16 -31.08
C LEU B 129 -3.36 9.47 -29.87
N VAL B 130 -4.38 8.65 -29.65
CA VAL B 130 -5.27 8.81 -28.51
C VAL B 130 -5.21 7.52 -27.70
N VAL B 131 -4.86 7.61 -26.43
CA VAL B 131 -4.78 6.41 -25.59
C VAL B 131 -5.93 6.29 -24.62
N LEU B 132 -6.64 5.16 -24.68
CA LEU B 132 -7.76 4.91 -23.78
C LEU B 132 -7.27 3.94 -22.70
N ALA B 133 -6.63 4.51 -21.67
CA ALA B 133 -6.09 3.72 -20.57
C ALA B 133 -7.10 3.44 -19.48
N THR B 134 -7.02 2.23 -18.94
CA THR B 134 -7.87 1.80 -17.83
C THR B 134 -7.38 0.48 -17.26
N ALA B 135 -7.56 0.29 -15.96
CA ALA B 135 -7.12 -0.96 -15.34
C ALA B 135 -8.23 -1.98 -15.42
N THR B 136 -9.48 -1.50 -15.48
CA THR B 136 -10.64 -2.35 -15.54
C THR B 136 -11.46 -2.18 -16.81
N PRO B 137 -11.01 -2.80 -17.91
CA PRO B 137 -11.71 -2.72 -19.21
C PRO B 137 -13.08 -3.39 -19.20
N PRO B 138 -13.93 -3.06 -20.19
CA PRO B 138 -15.26 -3.62 -20.33
C PRO B 138 -15.28 -5.12 -20.21
N GLY B 139 -16.18 -5.65 -19.38
CA GLY B 139 -16.29 -7.08 -19.19
C GLY B 139 -15.41 -7.64 -18.09
N SER B 140 -14.63 -6.76 -17.45
CA SER B 140 -13.76 -7.16 -16.38
C SER B 140 -14.52 -7.68 -15.16
N VAL B 141 -13.81 -8.46 -14.35
CA VAL B 141 -14.34 -9.05 -13.12
C VAL B 141 -13.26 -9.04 -12.04
N THR B 142 -13.67 -8.76 -10.80
CA THR B 142 -12.75 -8.71 -9.68
C THR B 142 -11.95 -10.01 -9.54
N VAL B 143 -10.69 -9.85 -9.17
CA VAL B 143 -9.77 -10.96 -9.00
C VAL B 143 -9.26 -10.97 -7.57
N PRO B 144 -9.11 -12.16 -6.99
CA PRO B 144 -8.62 -12.32 -5.62
C PRO B 144 -7.32 -11.58 -5.39
N HIS B 145 -7.26 -10.81 -4.32
CA HIS B 145 -6.08 -10.04 -3.99
C HIS B 145 -5.21 -10.80 -2.98
N PRO B 146 -3.91 -10.93 -3.28
CA PRO B 146 -2.91 -11.62 -2.45
C PRO B 146 -3.02 -11.39 -0.94
N ASN B 147 -2.90 -10.13 -0.52
CA ASN B 147 -2.95 -9.79 0.89
C ASN B 147 -4.29 -9.21 1.38
N ILE B 148 -5.37 -9.85 0.96
CA ILE B 148 -6.71 -9.44 1.36
C ILE B 148 -7.59 -10.67 1.46
N GLU B 149 -8.05 -10.95 2.66
CA GLU B 149 -8.92 -12.09 2.89
C GLU B 149 -10.36 -11.63 2.74
N GLU B 150 -11.18 -12.42 2.05
CA GLU B 150 -12.58 -12.08 1.82
C GLU B 150 -13.51 -13.03 2.57
N VAL B 151 -14.07 -12.56 3.68
CA VAL B 151 -14.96 -13.36 4.50
C VAL B 151 -16.41 -12.95 4.31
N ALA B 152 -17.23 -13.90 3.85
CA ALA B 152 -18.63 -13.63 3.63
C ALA B 152 -19.38 -13.43 4.95
N LEU B 153 -20.33 -12.49 4.96
CA LEU B 153 -21.10 -12.22 6.17
C LEU B 153 -22.15 -13.30 6.37
N SER B 154 -22.49 -13.57 7.62
CA SER B 154 -23.48 -14.59 7.94
C SER B 154 -24.57 -14.03 8.84
N SER B 155 -25.44 -14.92 9.31
CA SER B 155 -26.56 -14.54 10.18
C SER B 155 -26.07 -14.10 11.56
N THR B 156 -25.08 -14.83 12.07
CA THR B 156 -24.53 -14.54 13.39
C THR B 156 -23.95 -13.13 13.49
N GLY B 157 -24.57 -12.30 14.33
CA GLY B 157 -24.09 -10.94 14.49
C GLY B 157 -25.06 -10.05 15.23
N GLU B 158 -24.52 -9.26 16.16
CA GLU B 158 -25.34 -8.35 16.96
C GLU B 158 -25.60 -7.02 16.26
N ILE B 159 -25.13 -6.91 15.03
CA ILE B 159 -25.32 -5.67 14.28
C ILE B 159 -25.96 -6.01 12.94
N PRO B 160 -27.28 -5.74 12.79
CA PRO B 160 -28.00 -6.03 11.55
C PRO B 160 -27.48 -5.16 10.41
N PHE B 161 -27.43 -5.72 9.21
CA PHE B 161 -26.92 -4.97 8.07
C PHE B 161 -27.91 -5.00 6.90
N TYR B 162 -27.58 -5.73 5.84
CA TYR B 162 -28.47 -5.84 4.69
C TYR B 162 -28.82 -7.31 4.48
N GLY B 163 -29.61 -7.86 5.39
CA GLY B 163 -30.01 -9.24 5.28
C GLY B 163 -29.20 -10.16 6.17
N LYS B 164 -28.12 -9.61 6.72
CA LYS B 164 -27.23 -10.33 7.61
C LYS B 164 -26.88 -9.45 8.80
N ALA B 165 -25.82 -9.83 9.50
CA ALA B 165 -25.38 -9.07 10.66
C ALA B 165 -23.86 -9.08 10.76
N ILE B 166 -23.34 -8.11 11.50
CA ILE B 166 -21.91 -7.97 11.69
C ILE B 166 -21.48 -8.22 13.14
N PRO B 167 -20.71 -9.29 13.36
CA PRO B 167 -20.24 -9.65 14.71
C PRO B 167 -19.48 -8.48 15.33
N ILE B 168 -19.98 -7.99 16.45
CA ILE B 168 -19.37 -6.88 17.15
C ILE B 168 -17.87 -7.11 17.36
N GLU B 169 -17.45 -8.37 17.44
CA GLU B 169 -16.05 -8.70 17.65
C GLU B 169 -15.23 -8.29 16.45
N THR B 170 -15.84 -8.41 15.27
CA THR B 170 -15.18 -8.05 14.04
C THR B 170 -14.64 -6.63 14.06
N ILE B 171 -15.55 -5.66 14.13
CA ILE B 171 -15.15 -4.27 14.14
C ILE B 171 -14.85 -3.76 15.55
N LYS B 172 -14.59 -4.70 16.46
CA LYS B 172 -14.27 -4.39 17.86
C LYS B 172 -13.27 -3.26 17.97
N GLY B 173 -11.99 -3.60 17.80
CA GLY B 173 -10.95 -2.61 17.88
C GLY B 173 -10.30 -2.36 16.54
N GLY B 174 -9.48 -1.31 16.47
CA GLY B 174 -8.80 -0.97 15.25
C GLY B 174 -9.62 -0.03 14.39
N ARG B 175 -9.22 0.13 13.13
CA ARG B 175 -9.92 1.00 12.19
C ARG B 175 -10.60 0.17 11.09
N HIS B 176 -11.89 0.43 10.88
CA HIS B 176 -12.69 -0.30 9.89
C HIS B 176 -13.56 0.62 9.04
N LEU B 177 -13.84 0.21 7.80
CA LEU B 177 -14.67 1.02 6.93
C LEU B 177 -15.90 0.26 6.48
N ILE B 178 -17.05 0.88 6.66
CA ILE B 178 -18.31 0.26 6.24
C ILE B 178 -18.98 1.07 5.15
N PHE B 179 -19.41 0.38 4.09
CA PHE B 179 -20.04 1.04 2.96
C PHE B 179 -21.55 0.88 2.96
N CYS B 180 -22.24 2.01 2.83
CA CYS B 180 -23.70 2.03 2.78
C CYS B 180 -24.17 2.71 1.50
N HIS B 181 -25.23 2.19 0.90
CA HIS B 181 -25.76 2.75 -0.34
C HIS B 181 -26.20 4.21 -0.17
N SER B 182 -26.85 4.54 0.95
CA SER B 182 -27.34 5.91 1.21
C SER B 182 -26.80 6.51 2.51
N LYS B 183 -26.97 7.83 2.66
CA LYS B 183 -26.50 8.55 3.85
C LYS B 183 -27.41 8.25 5.05
N LYS B 184 -28.61 7.76 4.75
CA LYS B 184 -29.58 7.42 5.79
C LYS B 184 -29.06 6.20 6.57
N LYS B 185 -28.51 5.22 5.86
CA LYS B 185 -27.96 4.04 6.53
C LYS B 185 -26.65 4.38 7.22
N CYS B 186 -25.96 5.40 6.74
CA CYS B 186 -24.69 5.83 7.33
C CYS B 186 -24.91 6.48 8.68
N ASP B 187 -26.10 7.03 8.87
CA ASP B 187 -26.43 7.70 10.11
C ASP B 187 -26.98 6.71 11.11
N GLU B 188 -27.95 5.91 10.67
CA GLU B 188 -28.56 4.92 11.54
C GLU B 188 -27.54 3.95 12.10
N LEU B 189 -26.53 3.62 11.29
CA LEU B 189 -25.49 2.69 11.72
C LEU B 189 -24.49 3.38 12.62
N ALA B 190 -24.04 4.55 12.19
CA ALA B 190 -23.07 5.34 12.96
C ALA B 190 -23.69 5.77 14.28
N ALA B 191 -24.97 5.43 14.46
CA ALA B 191 -25.69 5.75 15.67
C ALA B 191 -25.82 4.47 16.49
N LYS B 192 -26.03 3.35 15.81
CA LYS B 192 -26.16 2.07 16.48
C LYS B 192 -24.82 1.68 17.10
N LEU B 193 -23.79 1.66 16.27
CA LEU B 193 -22.45 1.30 16.72
C LEU B 193 -21.97 2.29 17.79
N SER B 194 -22.11 3.59 17.51
CA SER B 194 -21.68 4.60 18.47
C SER B 194 -22.47 4.45 19.76
N GLY B 195 -23.76 4.18 19.60
CA GLY B 195 -24.61 3.99 20.75
C GLY B 195 -24.39 2.62 21.36
N LEU B 196 -23.22 2.04 21.09
CA LEU B 196 -22.85 0.73 21.61
C LEU B 196 -21.41 0.74 22.13
N GLY B 197 -20.89 1.93 22.41
CA GLY B 197 -19.52 2.06 22.91
C GLY B 197 -18.50 2.26 21.80
N LEU B 198 -18.74 1.62 20.66
CA LEU B 198 -17.87 1.71 19.49
C LEU B 198 -17.72 3.16 19.04
N ASN B 199 -16.53 3.50 18.55
CA ASN B 199 -16.27 4.86 18.06
C ASN B 199 -16.66 4.92 16.59
N ALA B 200 -17.94 5.21 16.32
CA ALA B 200 -18.43 5.29 14.94
C ALA B 200 -18.68 6.73 14.47
N VAL B 201 -18.33 7.00 13.20
CA VAL B 201 -18.51 8.31 12.59
C VAL B 201 -18.90 8.13 11.13
N ALA B 202 -20.06 8.67 10.75
CA ALA B 202 -20.53 8.54 9.37
C ALA B 202 -19.87 9.57 8.45
N TYR B 203 -19.74 9.20 7.17
CA TYR B 203 -19.14 10.08 6.18
C TYR B 203 -19.82 9.97 4.80
N TYR B 204 -19.88 11.10 4.09
CA TYR B 204 -20.47 11.16 2.76
C TYR B 204 -20.40 12.59 2.26
N ARG B 205 -20.49 12.76 0.95
CA ARG B 205 -20.42 14.08 0.33
C ARG B 205 -21.20 15.11 1.13
N GLY B 206 -20.50 16.12 1.62
CA GLY B 206 -21.14 17.16 2.40
C GLY B 206 -20.50 17.32 3.77
N LEU B 207 -19.81 16.28 4.22
CA LEU B 207 -19.14 16.31 5.51
C LEU B 207 -17.64 16.48 5.28
N ASP B 208 -16.98 17.12 6.25
CA ASP B 208 -15.55 17.36 6.17
C ASP B 208 -14.80 16.07 6.51
N VAL B 209 -13.77 15.78 5.74
CA VAL B 209 -12.97 14.59 5.95
C VAL B 209 -12.31 14.59 7.33
N SER B 210 -12.20 15.77 7.94
CA SER B 210 -11.58 15.93 9.25
C SER B 210 -12.30 15.12 10.35
N VAL B 211 -13.60 14.97 10.20
CA VAL B 211 -14.42 14.23 11.16
C VAL B 211 -13.80 12.87 11.47
N ILE B 212 -13.09 12.33 10.49
CA ILE B 212 -12.44 11.03 10.64
C ILE B 212 -11.07 11.19 11.28
N PRO B 213 -10.74 10.32 12.24
CA PRO B 213 -9.44 10.38 12.93
C PRO B 213 -8.33 9.75 12.10
N THR B 214 -7.20 10.46 12.00
CA THR B 214 -6.06 9.95 11.22
C THR B 214 -5.49 8.70 11.87
N SER B 215 -5.75 8.53 13.17
CA SER B 215 -5.24 7.39 13.91
C SER B 215 -6.22 6.99 15.02
N GLY B 216 -6.01 5.81 15.61
CA GLY B 216 -6.90 5.38 16.68
C GLY B 216 -8.09 4.59 16.17
N ASP B 217 -8.54 3.64 16.99
CA ASP B 217 -9.68 2.78 16.66
C ASP B 217 -10.90 3.60 16.29
N VAL B 218 -11.49 3.27 15.14
CA VAL B 218 -12.65 4.01 14.67
C VAL B 218 -13.36 3.25 13.56
N ILE B 219 -14.69 3.27 13.58
CA ILE B 219 -15.49 2.60 12.56
C ILE B 219 -16.08 3.69 11.68
N VAL B 220 -15.71 3.71 10.40
CA VAL B 220 -16.22 4.73 9.50
C VAL B 220 -17.32 4.17 8.59
N VAL B 221 -18.53 4.68 8.76
CA VAL B 221 -19.65 4.23 7.94
C VAL B 221 -19.89 5.30 6.89
N ALA B 222 -19.52 5.03 5.64
CA ALA B 222 -19.72 6.02 4.58
C ALA B 222 -20.16 5.46 3.21
N THR B 223 -20.38 6.40 2.28
CA THR B 223 -20.78 6.09 0.91
C THR B 223 -19.52 5.98 0.06
N ASP B 224 -19.62 6.35 -1.21
CA ASP B 224 -18.46 6.28 -2.08
C ASP B 224 -17.78 7.61 -2.22
N ALA B 225 -18.17 8.57 -1.38
CA ALA B 225 -17.57 9.88 -1.43
C ALA B 225 -16.08 9.76 -1.17
N LEU B 226 -15.30 10.10 -2.20
CA LEU B 226 -13.85 10.06 -2.15
C LEU B 226 -13.35 11.02 -1.08
N MET B 227 -12.93 10.47 0.05
CA MET B 227 -12.45 11.25 1.19
C MET B 227 -11.07 11.83 0.92
N THR B 228 -10.93 12.59 -0.17
CA THR B 228 -9.66 13.20 -0.55
C THR B 228 -8.95 13.93 0.60
N GLY B 229 -7.64 13.75 0.69
CA GLY B 229 -6.85 14.37 1.74
C GLY B 229 -6.76 13.45 2.95
N PHE B 230 -6.79 12.15 2.72
CA PHE B 230 -6.72 11.16 3.80
C PHE B 230 -6.61 9.74 3.24
N THR B 231 -5.52 9.04 3.56
CA THR B 231 -5.33 7.68 3.10
C THR B 231 -6.13 6.74 4.02
N GLY B 232 -6.79 5.76 3.41
CA GLY B 232 -7.59 4.82 4.18
C GLY B 232 -6.87 4.19 5.37
N ASP B 233 -6.15 3.10 5.11
CA ASP B 233 -5.41 2.39 6.15
C ASP B 233 -6.41 1.74 7.14
N PHE B 234 -7.26 0.86 6.60
CA PHE B 234 -8.25 0.16 7.38
C PHE B 234 -7.90 -1.31 7.52
N ASP B 235 -8.00 -1.83 8.74
CA ASP B 235 -7.68 -3.23 8.99
C ASP B 235 -8.63 -4.15 8.23
N SER B 236 -9.82 -3.64 7.92
CA SER B 236 -10.81 -4.41 7.19
C SER B 236 -11.85 -3.49 6.59
N VAL B 237 -12.66 -4.06 5.70
CA VAL B 237 -13.71 -3.31 5.04
C VAL B 237 -14.96 -4.18 4.88
N ILE B 238 -16.10 -3.60 5.23
CA ILE B 238 -17.39 -4.28 5.11
C ILE B 238 -18.20 -3.55 4.05
N ASP B 239 -18.68 -4.32 3.08
CA ASP B 239 -19.43 -3.78 1.96
C ASP B 239 -20.83 -4.40 1.85
N CYS B 240 -21.82 -3.55 1.52
CA CYS B 240 -23.20 -4.01 1.33
C CYS B 240 -23.39 -4.51 -0.10
N ASN B 241 -22.37 -4.31 -0.93
CA ASN B 241 -22.40 -4.76 -2.33
C ASN B 241 -23.57 -4.21 -3.14
N THR B 242 -23.94 -2.95 -2.89
CA THR B 242 -25.04 -2.30 -3.60
C THR B 242 -24.71 -0.86 -3.96
N CYS B 243 -25.28 -0.39 -5.06
CA CYS B 243 -25.04 0.97 -5.55
C CYS B 243 -26.34 1.68 -5.90
N VAL B 244 -26.37 2.99 -5.69
CA VAL B 244 -27.54 3.79 -6.03
C VAL B 244 -27.31 4.42 -7.39
N THR B 245 -28.04 3.97 -8.41
CA THR B 245 -27.87 4.55 -9.74
C THR B 245 -29.20 5.15 -10.23
N GLN B 246 -29.22 5.68 -11.45
CA GLN B 246 -30.45 6.25 -12.00
C GLN B 246 -30.79 5.50 -13.28
N THR B 247 -32.08 5.27 -13.52
CA THR B 247 -32.49 4.53 -14.70
C THR B 247 -33.57 5.27 -15.45
N VAL B 248 -33.61 5.05 -16.75
CA VAL B 248 -34.61 5.69 -17.57
C VAL B 248 -35.67 4.66 -17.96
N ASP B 249 -36.94 5.03 -17.78
CA ASP B 249 -38.02 4.14 -18.14
C ASP B 249 -38.96 4.88 -19.08
N PHE B 250 -39.20 4.28 -20.23
CA PHE B 250 -40.09 4.91 -21.20
C PHE B 250 -41.49 4.47 -20.90
N SER B 251 -41.98 4.93 -19.76
CA SER B 251 -43.30 4.60 -19.28
C SER B 251 -44.49 5.23 -20.03
N LEU B 252 -44.21 5.95 -21.12
CA LEU B 252 -45.28 6.56 -21.91
C LEU B 252 -46.43 7.13 -21.06
N ASP B 253 -46.07 7.76 -19.95
CA ASP B 253 -47.07 8.31 -19.04
C ASP B 253 -46.76 9.72 -18.58
N PRO B 254 -46.73 10.69 -19.52
CA PRO B 254 -46.99 10.48 -20.95
C PRO B 254 -45.74 10.20 -21.76
N THR B 255 -44.59 10.64 -21.25
CA THR B 255 -43.33 10.48 -21.97
C THR B 255 -42.41 9.40 -21.39
N PHE B 256 -41.46 9.82 -20.58
CA PHE B 256 -40.49 8.91 -19.95
C PHE B 256 -40.28 9.22 -18.47
N THR B 257 -39.57 8.32 -17.80
CA THR B 257 -39.27 8.50 -16.38
C THR B 257 -37.80 8.27 -16.01
N ILE B 258 -37.27 9.13 -15.17
CA ILE B 258 -35.90 8.98 -14.72
C ILE B 258 -35.99 8.70 -13.23
N GLU B 259 -35.86 7.44 -12.85
CA GLU B 259 -35.94 7.12 -11.44
C GLU B 259 -34.61 6.59 -10.95
N THR B 260 -34.26 6.94 -9.72
CA THR B 260 -33.02 6.47 -9.12
C THR B 260 -33.39 5.25 -8.30
N THR B 261 -32.52 4.24 -8.29
CA THR B 261 -32.77 3.02 -7.54
C THR B 261 -31.46 2.36 -7.11
N THR B 262 -31.57 1.32 -6.28
CA THR B 262 -30.41 0.57 -5.81
C THR B 262 -30.22 -0.67 -6.67
N VAL B 263 -28.97 -0.95 -7.02
CA VAL B 263 -28.65 -2.09 -7.87
C VAL B 263 -27.35 -2.73 -7.41
N PRO B 264 -27.22 -4.06 -7.58
CA PRO B 264 -25.98 -4.72 -7.17
C PRO B 264 -24.76 -4.15 -7.87
N GLN B 265 -23.72 -3.85 -7.08
CA GLN B 265 -22.48 -3.29 -7.58
C GLN B 265 -21.89 -4.13 -8.70
N ASP B 266 -20.96 -3.53 -9.44
CA ASP B 266 -20.27 -4.20 -10.56
C ASP B 266 -18.83 -4.49 -10.14
N ALA B 267 -18.06 -5.00 -11.09
CA ALA B 267 -16.68 -5.34 -10.82
C ALA B 267 -15.87 -4.15 -10.29
N VAL B 268 -15.93 -3.03 -10.98
CA VAL B 268 -15.19 -1.82 -10.61
C VAL B 268 -15.48 -1.35 -9.19
N SER B 269 -16.76 -1.27 -8.86
CA SER B 269 -17.19 -0.85 -7.53
C SER B 269 -16.63 -1.78 -6.46
N ARG B 270 -16.80 -3.08 -6.66
CA ARG B 270 -16.33 -4.08 -5.71
C ARG B 270 -14.83 -3.97 -5.51
N SER B 271 -14.10 -3.72 -6.60
CA SER B 271 -12.66 -3.59 -6.53
C SER B 271 -12.24 -2.35 -5.75
N GLN B 272 -12.92 -1.24 -5.97
CA GLN B 272 -12.59 -0.02 -5.25
C GLN B 272 -12.94 -0.19 -3.77
N ARG B 273 -14.15 -0.65 -3.50
CA ARG B 273 -14.60 -0.84 -2.13
C ARG B 273 -13.55 -1.65 -1.38
N ARG B 274 -13.25 -2.83 -1.92
CA ARG B 274 -12.26 -3.72 -1.33
C ARG B 274 -10.86 -3.13 -1.30
N GLY B 275 -10.51 -2.40 -2.35
CA GLY B 275 -9.19 -1.80 -2.44
C GLY B 275 -8.87 -0.78 -1.38
N ARG B 276 -9.83 -0.51 -0.50
CA ARG B 276 -9.63 0.46 0.57
C ARG B 276 -8.88 -0.18 1.73
N THR B 277 -8.61 -1.48 1.62
CA THR B 277 -7.90 -2.21 2.68
C THR B 277 -6.78 -3.07 2.10
N GLY B 278 -6.01 -3.71 2.97
CA GLY B 278 -4.91 -4.56 2.53
C GLY B 278 -3.90 -3.84 1.66
N ARG B 279 -3.68 -2.55 1.94
CA ARG B 279 -2.72 -1.76 1.18
C ARG B 279 -1.31 -1.96 1.72
N GLY B 280 -0.55 -2.82 1.05
CA GLY B 280 0.80 -3.10 1.46
C GLY B 280 0.86 -4.20 2.51
N ARG B 281 -0.09 -4.18 3.43
CA ARG B 281 -0.15 -5.17 4.50
C ARG B 281 -1.32 -6.14 4.34
N MET B 282 -1.90 -6.57 5.45
CA MET B 282 -3.02 -7.50 5.39
C MET B 282 -4.34 -6.87 5.85
N GLY B 283 -5.38 -7.05 5.05
CA GLY B 283 -6.69 -6.51 5.38
C GLY B 283 -7.77 -7.54 5.16
N ILE B 284 -8.96 -7.30 5.73
CA ILE B 284 -10.08 -8.23 5.59
C ILE B 284 -11.26 -7.55 4.88
N TYR B 285 -11.91 -8.30 3.99
CA TYR B 285 -13.04 -7.78 3.22
C TYR B 285 -14.28 -8.63 3.47
N ARG B 286 -15.25 -8.06 4.18
CA ARG B 286 -16.49 -8.74 4.49
C ARG B 286 -17.59 -8.21 3.59
N PHE B 287 -18.26 -9.12 2.88
CA PHE B 287 -19.33 -8.75 1.97
C PHE B 287 -20.66 -9.42 2.28
N VAL B 288 -21.69 -9.00 1.54
CA VAL B 288 -23.05 -9.52 1.69
C VAL B 288 -23.37 -10.40 0.49
N THR B 289 -22.95 -9.98 -0.70
CA THR B 289 -23.21 -10.75 -1.90
C THR B 289 -21.91 -11.12 -2.54
N PRO B 290 -21.79 -12.38 -3.00
CA PRO B 290 -20.58 -12.87 -3.64
C PRO B 290 -20.38 -12.39 -5.07
N GLY B 291 -21.12 -13.00 -5.99
CA GLY B 291 -21.01 -12.64 -7.39
C GLY B 291 -21.26 -11.17 -7.67
N GLU B 292 -20.75 -10.73 -8.83
CA GLU B 292 -20.89 -9.35 -9.27
C GLU B 292 -21.18 -9.30 -10.75
N ARG B 293 -21.74 -8.18 -11.20
CA ARG B 293 -22.08 -8.00 -12.60
C ARG B 293 -20.94 -7.31 -13.36
N PRO B 294 -20.45 -7.97 -14.42
CA PRO B 294 -19.36 -7.46 -15.25
C PRO B 294 -19.63 -6.05 -15.73
N SER B 295 -18.63 -5.20 -15.58
CA SER B 295 -18.71 -3.81 -15.97
C SER B 295 -18.71 -3.68 -17.49
N GLY B 296 -18.75 -2.44 -17.94
CA GLY B 296 -18.74 -2.17 -19.37
C GLY B 296 -20.07 -1.81 -19.97
N MET B 297 -21.03 -1.45 -19.13
CA MET B 297 -22.37 -1.08 -19.58
C MET B 297 -23.01 0.02 -18.75
N PHE B 298 -23.73 0.92 -19.40
CA PHE B 298 -24.39 1.99 -18.67
C PHE B 298 -25.77 2.29 -19.22
N ASP B 299 -26.63 2.80 -18.37
CA ASP B 299 -28.00 3.10 -18.74
C ASP B 299 -28.10 4.23 -19.75
N SER B 300 -29.20 4.24 -20.50
CA SER B 300 -29.47 5.26 -21.51
C SER B 300 -29.63 6.63 -20.82
N SER B 301 -30.04 6.63 -19.56
CA SER B 301 -30.21 7.89 -18.83
C SER B 301 -28.91 8.70 -18.84
N VAL B 302 -27.78 8.02 -18.94
CA VAL B 302 -26.49 8.69 -18.96
C VAL B 302 -26.38 9.46 -20.26
N LEU B 303 -26.87 8.88 -21.34
CA LEU B 303 -26.83 9.59 -22.61
C LEU B 303 -27.65 10.86 -22.45
N CYS B 304 -28.73 10.75 -21.70
CA CYS B 304 -29.60 11.90 -21.47
C CYS B 304 -28.85 12.98 -20.71
N GLU B 305 -28.05 12.57 -19.73
CA GLU B 305 -27.28 13.50 -18.94
C GLU B 305 -26.30 14.26 -19.81
N CYS B 306 -25.74 13.59 -20.81
CA CYS B 306 -24.80 14.25 -21.69
C CYS B 306 -25.47 15.41 -22.43
N TYR B 307 -26.59 15.12 -23.08
CA TYR B 307 -27.31 16.15 -23.81
C TYR B 307 -27.70 17.27 -22.87
N ASP B 308 -28.08 16.92 -21.64
CA ASP B 308 -28.48 17.92 -20.68
C ASP B 308 -27.30 18.84 -20.37
N ALA B 309 -26.15 18.24 -20.10
CA ALA B 309 -24.96 19.00 -19.78
C ALA B 309 -24.55 19.84 -20.97
N GLY B 310 -24.40 19.20 -22.12
CA GLY B 310 -24.02 19.95 -23.29
C GLY B 310 -24.86 21.20 -23.44
N CYS B 311 -26.09 21.18 -22.93
CA CYS B 311 -26.98 22.33 -23.07
C CYS B 311 -26.88 23.29 -21.91
N ALA B 312 -26.50 22.77 -20.75
CA ALA B 312 -26.45 23.59 -19.55
C ALA B 312 -25.09 24.14 -19.20
N TRP B 313 -24.06 23.37 -19.50
CA TRP B 313 -22.71 23.77 -19.15
C TRP B 313 -21.76 24.08 -20.29
N TYR B 314 -21.70 23.20 -21.28
CA TYR B 314 -20.74 23.40 -22.35
C TYR B 314 -21.25 24.02 -23.62
N GLU B 315 -22.41 24.67 -23.54
CA GLU B 315 -23.01 25.31 -24.69
C GLU B 315 -22.92 24.49 -25.99
N LEU B 316 -23.32 23.23 -25.93
CA LEU B 316 -23.31 22.38 -27.12
C LEU B 316 -24.72 22.08 -27.57
N THR B 317 -24.98 22.30 -28.85
CA THR B 317 -26.31 22.00 -29.36
C THR B 317 -26.45 20.47 -29.36
N PRO B 318 -27.68 19.97 -29.28
CA PRO B 318 -27.94 18.53 -29.28
C PRO B 318 -27.20 17.85 -30.42
N ALA B 319 -27.11 18.56 -31.55
CA ALA B 319 -26.43 18.01 -32.72
C ALA B 319 -24.95 17.85 -32.44
N GLU B 320 -24.34 18.90 -31.90
CA GLU B 320 -22.92 18.82 -31.62
C GLU B 320 -22.62 17.66 -30.69
N THR B 321 -23.47 17.51 -29.69
CA THR B 321 -23.33 16.45 -28.71
C THR B 321 -23.44 15.08 -29.37
N SER B 322 -24.38 14.95 -30.29
CA SER B 322 -24.55 13.66 -30.95
C SER B 322 -23.29 13.18 -31.66
N VAL B 323 -22.66 14.10 -32.37
CA VAL B 323 -21.44 13.75 -33.08
C VAL B 323 -20.41 13.18 -32.12
N ARG B 324 -20.09 13.91 -31.06
CA ARG B 324 -19.11 13.45 -30.08
C ARG B 324 -19.51 12.11 -29.48
N LEU B 325 -20.78 11.98 -29.08
CA LEU B 325 -21.25 10.72 -28.51
C LEU B 325 -21.19 9.60 -29.55
N ARG B 326 -21.45 9.94 -30.81
CA ARG B 326 -21.40 8.96 -31.89
C ARG B 326 -19.99 8.38 -32.03
N ALA B 327 -18.99 9.26 -32.02
CA ALA B 327 -17.60 8.82 -32.11
C ALA B 327 -17.27 7.86 -30.97
N TYR B 328 -17.87 8.11 -29.80
CA TYR B 328 -17.65 7.27 -28.64
C TYR B 328 -18.27 5.88 -28.84
N LEU B 329 -19.48 5.87 -29.40
CA LEU B 329 -20.21 4.63 -29.66
C LEU B 329 -19.60 3.81 -30.80
N ASN B 330 -18.89 4.46 -31.72
CA ASN B 330 -18.23 3.78 -32.84
C ASN B 330 -16.91 3.14 -32.42
N THR B 331 -16.35 3.61 -31.30
CA THR B 331 -15.09 3.08 -30.82
C THR B 331 -15.23 1.78 -30.01
N PRO B 332 -14.61 0.70 -30.49
CA PRO B 332 -14.71 -0.57 -29.75
C PRO B 332 -13.88 -0.51 -28.46
N GLY B 333 -14.07 -1.48 -27.56
CA GLY B 333 -13.29 -1.49 -26.34
C GLY B 333 -13.78 -0.55 -25.25
N LEU B 334 -14.83 0.21 -25.53
CA LEU B 334 -15.35 1.13 -24.54
C LEU B 334 -16.70 0.66 -23.98
N PRO B 335 -17.08 1.15 -22.78
CA PRO B 335 -18.35 0.79 -22.14
C PRO B 335 -19.48 1.01 -23.15
N VAL B 336 -20.46 0.11 -23.16
CA VAL B 336 -21.54 0.23 -24.13
C VAL B 336 -22.88 0.56 -23.51
N CYS B 337 -23.86 0.77 -24.36
CA CYS B 337 -25.21 1.05 -23.92
C CYS B 337 -26.10 1.18 -25.14
N GLN B 338 -27.41 1.16 -24.94
CA GLN B 338 -28.33 1.26 -26.06
C GLN B 338 -28.08 2.51 -26.89
N ASP B 339 -28.22 2.41 -28.21
CA ASP B 339 -28.00 3.56 -29.08
C ASP B 339 -29.25 4.44 -29.21
N HIS B 340 -29.40 5.39 -28.29
CA HIS B 340 -30.55 6.29 -28.28
C HIS B 340 -30.13 7.74 -28.59
N LEU B 341 -29.02 7.91 -29.28
CA LEU B 341 -28.55 9.27 -29.58
C LEU B 341 -29.61 10.05 -30.34
N GLU B 342 -30.09 9.50 -31.44
CA GLU B 342 -31.09 10.21 -32.22
C GLU B 342 -32.29 10.63 -31.38
N PHE B 343 -32.71 9.75 -30.48
CA PHE B 343 -33.87 10.03 -29.64
C PHE B 343 -33.65 11.21 -28.71
N TRP B 344 -32.67 11.07 -27.85
CA TRP B 344 -32.34 12.14 -26.92
C TRP B 344 -32.05 13.45 -27.68
N GLU B 345 -31.41 13.34 -28.83
CA GLU B 345 -31.10 14.56 -29.54
C GLU B 345 -32.39 15.26 -29.98
N SER B 346 -33.40 14.47 -30.31
CA SER B 346 -34.67 15.01 -30.74
C SER B 346 -35.36 15.75 -29.61
N VAL B 347 -35.42 15.08 -28.48
CA VAL B 347 -36.04 15.64 -27.30
C VAL B 347 -35.46 16.99 -26.96
N PHE B 348 -34.15 17.05 -26.75
CA PHE B 348 -33.57 18.33 -26.38
C PHE B 348 -33.67 19.37 -27.45
N THR B 349 -33.62 18.99 -28.71
CA THR B 349 -33.71 19.98 -29.76
C THR B 349 -34.98 20.81 -29.70
N GLY B 350 -36.03 20.26 -29.12
CA GLY B 350 -37.28 20.99 -29.03
C GLY B 350 -37.43 21.81 -27.78
N LEU B 351 -36.53 21.65 -26.81
CA LEU B 351 -36.60 22.40 -25.56
C LEU B 351 -35.90 23.74 -25.71
N THR B 352 -36.49 24.64 -26.48
CA THR B 352 -35.88 25.94 -26.71
C THR B 352 -36.45 27.05 -25.81
N HIS B 353 -35.69 28.15 -25.69
CA HIS B 353 -36.07 29.31 -24.89
C HIS B 353 -36.34 29.00 -23.41
N ILE B 354 -35.36 28.39 -22.76
CA ILE B 354 -35.50 28.04 -21.35
C ILE B 354 -35.31 29.31 -20.53
N ASP B 355 -35.82 29.30 -19.29
CA ASP B 355 -35.69 30.46 -18.41
C ASP B 355 -34.27 30.51 -17.87
N ALA B 356 -33.45 31.38 -18.46
CA ALA B 356 -32.05 31.53 -18.06
C ALA B 356 -31.87 31.58 -16.56
N HIS B 357 -32.74 32.32 -15.90
CA HIS B 357 -32.67 32.45 -14.46
C HIS B 357 -32.85 31.09 -13.79
N PHE B 358 -33.83 30.32 -14.25
CA PHE B 358 -34.06 29.00 -13.67
C PHE B 358 -32.91 28.04 -13.91
N LEU B 359 -32.29 28.15 -15.09
CA LEU B 359 -31.20 27.27 -15.44
C LEU B 359 -30.05 27.55 -14.50
N SER B 360 -29.91 28.82 -14.15
CA SER B 360 -28.84 29.24 -13.26
C SER B 360 -29.00 28.61 -11.92
N GLN B 361 -30.20 28.75 -11.38
CA GLN B 361 -30.48 28.20 -10.09
C GLN B 361 -30.24 26.70 -10.05
N THR B 362 -30.93 25.97 -10.94
CA THR B 362 -30.80 24.52 -11.00
C THR B 362 -29.38 24.02 -11.12
N LYS B 363 -28.58 24.72 -11.93
CA LYS B 363 -27.18 24.33 -12.08
C LYS B 363 -26.45 24.42 -10.75
N GLN B 364 -26.84 25.37 -9.91
CA GLN B 364 -26.18 25.53 -8.62
C GLN B 364 -26.63 24.47 -7.63
N ALA B 365 -27.91 24.15 -7.69
CA ALA B 365 -28.47 23.14 -6.82
C ALA B 365 -27.69 21.83 -6.94
N GLY B 366 -26.96 21.65 -8.03
CA GLY B 366 -26.19 20.44 -8.21
C GLY B 366 -26.97 19.18 -8.55
N ASP B 367 -28.23 19.34 -8.99
CA ASP B 367 -29.06 18.19 -9.36
C ASP B 367 -28.63 17.63 -10.70
N ASN B 368 -28.78 16.32 -10.85
CA ASN B 368 -28.36 15.64 -12.06
C ASN B 368 -28.86 16.15 -13.40
N PHE B 369 -30.14 16.49 -13.49
CA PHE B 369 -30.68 16.97 -14.76
C PHE B 369 -31.10 18.42 -14.62
N PRO B 370 -30.13 19.32 -14.51
CA PRO B 370 -30.48 20.73 -14.37
C PRO B 370 -31.32 21.30 -15.48
N TYR B 371 -30.94 20.99 -16.73
CA TYR B 371 -31.62 21.51 -17.89
C TYR B 371 -33.06 21.04 -17.98
N LEU B 372 -33.29 19.75 -17.74
CA LEU B 372 -34.64 19.21 -17.79
C LEU B 372 -35.50 19.80 -16.67
N VAL B 373 -34.91 19.95 -15.49
CA VAL B 373 -35.65 20.52 -14.36
C VAL B 373 -35.99 21.98 -14.65
N ALA B 374 -34.99 22.78 -14.97
CA ALA B 374 -35.24 24.19 -15.26
C ALA B 374 -36.31 24.33 -16.36
N TYR B 375 -36.30 23.43 -17.34
CA TYR B 375 -37.27 23.51 -18.42
C TYR B 375 -38.67 23.21 -17.91
N GLN B 376 -38.82 22.07 -17.22
CA GLN B 376 -40.13 21.72 -16.68
C GLN B 376 -40.70 22.89 -15.86
N ALA B 377 -39.81 23.61 -15.18
CA ALA B 377 -40.18 24.76 -14.37
C ALA B 377 -40.56 25.88 -15.32
N THR B 378 -39.70 26.16 -16.30
CA THR B 378 -39.99 27.21 -17.29
C THR B 378 -41.39 27.09 -17.85
N VAL B 379 -41.79 25.86 -18.16
CA VAL B 379 -43.10 25.57 -18.69
C VAL B 379 -44.17 25.89 -17.64
N CYS B 380 -43.88 25.50 -16.40
CA CYS B 380 -44.81 25.76 -15.30
C CYS B 380 -44.95 27.26 -15.05
N ALA B 381 -43.85 27.95 -14.79
CA ALA B 381 -43.92 29.39 -14.57
C ALA B 381 -44.79 30.05 -15.64
N ARG B 382 -44.44 29.84 -16.90
CA ARG B 382 -45.20 30.43 -18.00
C ARG B 382 -46.68 30.08 -17.87
N ALA B 383 -46.98 28.81 -17.69
CA ALA B 383 -48.35 28.36 -17.58
C ALA B 383 -48.99 28.74 -16.25
N GLN B 384 -48.23 29.40 -15.37
CA GLN B 384 -48.74 29.82 -14.06
C GLN B 384 -49.19 28.60 -13.26
N ALA B 385 -48.63 27.46 -13.60
CA ALA B 385 -48.96 26.21 -12.94
C ALA B 385 -47.85 25.78 -12.00
N PRO B 386 -48.16 24.93 -11.01
CA PRO B 386 -47.17 24.44 -10.05
C PRO B 386 -46.39 23.22 -10.57
N PRO B 387 -45.23 22.90 -9.96
CA PRO B 387 -44.41 21.77 -10.36
C PRO B 387 -45.07 20.45 -10.00
N PRO B 388 -44.49 19.33 -10.42
CA PRO B 388 -45.03 17.99 -10.15
C PRO B 388 -45.16 17.75 -8.63
N SER B 389 -44.26 18.36 -7.87
CA SER B 389 -44.30 18.22 -6.42
C SER B 389 -43.47 19.37 -5.92
N TRP B 390 -43.55 19.61 -4.63
CA TRP B 390 -42.77 20.67 -4.03
C TRP B 390 -41.52 20.18 -3.33
N ASP B 391 -40.89 19.15 -3.90
CA ASP B 391 -39.65 18.62 -3.35
C ASP B 391 -38.56 19.68 -3.53
N GLN B 392 -37.38 19.44 -2.95
CA GLN B 392 -36.28 20.40 -3.07
C GLN B 392 -35.83 20.62 -4.51
N MET B 393 -36.18 19.70 -5.41
CA MET B 393 -35.77 19.85 -6.78
C MET B 393 -36.64 20.83 -7.55
N TRP B 394 -37.47 21.58 -6.84
CA TRP B 394 -38.32 22.55 -7.50
C TRP B 394 -38.27 23.86 -6.72
N LYS B 395 -37.35 23.90 -5.77
CA LYS B 395 -37.15 25.06 -4.92
C LYS B 395 -37.07 26.37 -5.69
N CYS B 396 -36.81 26.31 -7.00
CA CYS B 396 -36.69 27.53 -7.80
C CYS B 396 -38.03 28.20 -8.13
N LEU B 397 -39.12 27.53 -7.78
CA LEU B 397 -40.43 28.09 -8.08
C LEU B 397 -41.25 28.51 -6.87
N ILE B 398 -40.70 28.32 -5.67
CA ILE B 398 -41.42 28.69 -4.44
C ILE B 398 -41.77 30.19 -4.47
N ARG B 399 -40.89 30.98 -5.06
CA ARG B 399 -41.07 32.42 -5.18
C ARG B 399 -42.44 32.76 -5.75
N LEU B 400 -42.94 31.91 -6.63
CA LEU B 400 -44.23 32.13 -7.28
C LEU B 400 -45.29 31.18 -6.74
N LYS B 401 -44.90 30.33 -5.79
CA LYS B 401 -45.81 29.35 -5.21
C LYS B 401 -47.23 29.89 -4.99
N PRO B 402 -47.37 31.10 -4.41
CA PRO B 402 -48.69 31.69 -4.15
C PRO B 402 -49.60 31.73 -5.39
N THR B 403 -49.07 32.26 -6.50
CA THR B 403 -49.84 32.38 -7.74
C THR B 403 -50.01 31.05 -8.51
N LEU B 404 -48.96 30.24 -8.50
CA LEU B 404 -48.99 28.97 -9.21
C LEU B 404 -50.10 28.06 -8.72
N HIS B 405 -51.09 27.83 -9.57
CA HIS B 405 -52.18 26.94 -9.23
C HIS B 405 -52.65 26.16 -10.44
N GLY B 406 -53.40 25.08 -10.19
CA GLY B 406 -53.91 24.24 -11.26
C GLY B 406 -53.05 23.03 -11.61
N PRO B 407 -53.44 22.23 -12.63
CA PRO B 407 -52.67 21.04 -13.03
C PRO B 407 -51.24 21.38 -13.48
N THR B 408 -50.39 20.37 -13.52
CA THR B 408 -49.01 20.57 -13.92
C THR B 408 -48.80 20.04 -15.32
N PRO B 409 -48.16 20.84 -16.18
CA PRO B 409 -47.87 20.44 -17.56
C PRO B 409 -46.69 19.49 -17.49
N LEU B 410 -46.97 18.23 -17.20
CA LEU B 410 -45.92 17.25 -17.07
C LEU B 410 -45.26 16.93 -18.40
N LEU B 411 -43.98 17.29 -18.53
CA LEU B 411 -43.20 17.04 -19.76
C LEU B 411 -42.54 15.65 -19.66
N TYR B 412 -42.28 15.23 -18.42
CA TYR B 412 -41.66 13.93 -18.13
C TYR B 412 -41.64 13.78 -16.61
N ARG B 413 -41.31 12.58 -16.13
CA ARG B 413 -41.28 12.33 -14.70
C ARG B 413 -39.85 12.22 -14.20
N LEU B 414 -39.42 13.24 -13.46
CA LEU B 414 -38.06 13.27 -12.91
C LEU B 414 -38.11 12.97 -11.44
N GLY B 415 -38.96 12.02 -11.07
CA GLY B 415 -39.10 11.66 -9.68
C GLY B 415 -40.55 11.37 -9.34
N ALA B 416 -41.01 11.87 -8.20
CA ALA B 416 -42.38 11.62 -7.79
C ALA B 416 -43.23 12.85 -8.03
N VAL B 417 -44.38 12.63 -8.64
CA VAL B 417 -45.33 13.69 -8.95
C VAL B 417 -46.59 13.57 -8.09
N GLN B 418 -46.88 14.64 -7.33
CA GLN B 418 -48.04 14.70 -6.46
C GLN B 418 -49.23 15.36 -7.14
N ASN B 419 -49.04 16.62 -7.52
CA ASN B 419 -50.09 17.41 -8.16
C ASN B 419 -50.80 16.73 -9.33
N GLU B 420 -51.89 17.36 -9.78
CA GLU B 420 -52.69 16.86 -10.89
C GLU B 420 -51.90 17.13 -12.16
N VAL B 421 -51.82 16.12 -13.02
CA VAL B 421 -51.05 16.22 -14.25
C VAL B 421 -51.86 16.45 -15.53
N THR B 422 -51.35 17.31 -16.37
CA THR B 422 -52.01 17.57 -17.63
C THR B 422 -51.00 17.28 -18.74
N THR B 423 -51.45 16.70 -19.85
CA THR B 423 -50.54 16.38 -20.94
C THR B 423 -50.95 16.98 -22.27
N THR B 424 -51.52 18.17 -22.22
CA THR B 424 -51.98 18.84 -23.42
C THR B 424 -51.03 19.93 -23.90
N HIS B 425 -49.88 20.07 -23.21
CA HIS B 425 -48.93 21.11 -23.56
C HIS B 425 -48.13 20.76 -24.79
N PRO B 426 -47.82 21.78 -25.61
CA PRO B 426 -47.05 21.53 -26.82
C PRO B 426 -45.77 20.75 -26.55
N ILE B 427 -44.97 21.15 -25.58
CA ILE B 427 -43.74 20.42 -25.36
C ILE B 427 -43.98 18.97 -24.96
N THR B 428 -45.08 18.72 -24.26
CA THR B 428 -45.43 17.36 -23.86
C THR B 428 -45.77 16.60 -25.14
N LYS B 429 -46.60 17.19 -26.00
CA LYS B 429 -46.93 16.51 -27.25
C LYS B 429 -45.70 16.27 -28.13
N TYR B 430 -44.71 17.15 -28.03
CA TYR B 430 -43.47 17.06 -28.79
C TYR B 430 -42.69 15.84 -28.34
N ILE B 431 -42.36 15.80 -27.05
CA ILE B 431 -41.59 14.67 -26.56
C ILE B 431 -42.31 13.37 -26.88
N MET B 432 -43.63 13.38 -26.76
CA MET B 432 -44.41 12.18 -27.05
C MET B 432 -44.13 11.73 -28.49
N ALA B 433 -44.26 12.65 -29.43
CA ALA B 433 -43.98 12.35 -30.83
C ALA B 433 -42.55 11.82 -31.00
N CYS B 434 -41.58 12.33 -30.25
CA CYS B 434 -40.22 11.80 -30.37
C CYS B 434 -40.16 10.32 -30.05
N MET B 435 -41.05 9.82 -29.19
CA MET B 435 -41.02 8.42 -28.83
C MET B 435 -41.75 7.56 -29.86
N SER B 436 -42.77 8.14 -30.48
CA SER B 436 -43.54 7.45 -31.49
C SER B 436 -42.69 7.18 -32.72
#